data_5XNH
#
_entry.id   5XNH
#
_cell.length_a   52.869
_cell.length_b   78.783
_cell.length_c   79.407
_cell.angle_alpha   90.00
_cell.angle_beta   90.16
_cell.angle_gamma   90.00
#
_symmetry.space_group_name_H-M   'P 1 21 1'
#
loop_
_entity.id
_entity.type
_entity.pdbx_description
1 polymer 'N(4)-bis(aminopropyl)spermidine synthase'
2 non-polymer 'FE (III) ION'
3 non-polymer SPERMIDINE
4 water water
#
_entity_poly.entity_id   1
_entity_poly.type   'polypeptide(L)'
_entity_poly.pdbx_seq_one_letter_code
;MGSSHHHHHHSSGLVPRGSHMREIIERVKEKTTIPVYERTIENVLSAIQASGDVWRIVDLSEEPLPLVVAVVTALYELGY
VAFENNQVILTRKGKELVEKYGIGPRADYTCSHCQGRTVEIDAFSELLEQFKEITRDRPEPAHQFDQAYVTPETTVARVA
LMHSRGDLENKEVFVLGDDDLTSVALMLSGLPKRIAVLDIDERLTKFIEKAADEIGYENIEIFTFDLRKPLPDYALHKFD
TFITDPPETVEAIRAFVGRGIATLKGPGCAGYFGITRRESSLDKWREIQRVLLNEFGVVITDIIRNFNEYVNWGYVEETR
AWRLLPIKVKPSYNWYKSYMFRIQTLEGSKGFEDEITVGQELYDDEESSTT
;
_entity_poly.pdbx_strand_id   A,H
#
loop_
_chem_comp.id
_chem_comp.type
_chem_comp.name
_chem_comp.formula
FE non-polymer 'FE (III) ION' 'Fe 3'
SPD non-polymer SPERMIDINE 'C7 H19 N3'
#
# COMPACT_ATOMS: atom_id res chain seq x y z
N SER A 19 -21.60 -11.02 25.81
CA SER A 19 -23.04 -10.57 25.96
C SER A 19 -23.36 -9.17 25.47
N HIS A 20 -22.57 -8.19 25.90
CA HIS A 20 -22.81 -6.81 25.47
C HIS A 20 -22.61 -6.83 23.96
N MET A 21 -21.44 -7.32 23.55
CA MET A 21 -21.08 -7.37 22.13
C MET A 21 -22.15 -8.06 21.26
N ARG A 22 -22.67 -9.19 21.72
CA ARG A 22 -23.65 -9.91 20.92
C ARG A 22 -24.93 -9.09 20.73
N GLU A 23 -25.32 -8.42 21.78
CA GLU A 23 -26.52 -7.58 21.76
CA GLU A 23 -26.47 -7.59 21.75
C GLU A 23 -26.36 -6.38 20.82
N ILE A 24 -25.13 -5.85 20.72
CA ILE A 24 -24.89 -4.71 19.86
C ILE A 24 -24.88 -5.24 18.42
N ILE A 25 -24.20 -6.33 18.14
CA ILE A 25 -24.14 -6.84 16.78
C ILE A 25 -25.50 -7.19 16.23
N GLU A 26 -26.36 -7.78 17.04
CA GLU A 26 -27.68 -8.17 16.55
C GLU A 26 -28.56 -6.98 16.30
N ARG A 27 -28.42 -5.95 17.11
CA ARG A 27 -29.10 -4.74 16.86
C ARG A 27 -28.57 -4.03 15.62
N VAL A 28 -27.27 -4.12 15.35
CA VAL A 28 -26.72 -3.53 14.09
C VAL A 28 -27.22 -4.29 12.84
N LYS A 29 -27.19 -5.61 12.91
CA LYS A 29 -27.80 -6.45 11.85
C LYS A 29 -29.29 -6.19 11.56
N GLU A 30 -30.02 -5.61 12.48
CA GLU A 30 -31.38 -5.25 12.13
C GLU A 30 -31.42 -3.97 11.28
N LYS A 31 -30.29 -3.30 11.07
CA LYS A 31 -30.30 -2.03 10.36
C LYS A 31 -29.50 -1.97 9.09
N THR A 32 -28.64 -2.93 8.82
CA THR A 32 -27.86 -2.85 7.57
C THR A 32 -27.68 -4.25 7.10
N THR A 33 -27.51 -4.41 5.82
CA THR A 33 -27.15 -5.68 5.23
C THR A 33 -25.64 -5.80 5.02
N ILE A 34 -24.88 -4.73 5.29
CA ILE A 34 -23.43 -4.81 5.28
C ILE A 34 -22.94 -5.78 6.35
N PRO A 35 -21.96 -6.64 6.04
CA PRO A 35 -21.39 -7.51 7.04
C PRO A 35 -20.93 -6.76 8.32
N VAL A 36 -21.20 -7.35 9.48
CA VAL A 36 -20.89 -6.76 10.76
C VAL A 36 -20.05 -7.79 11.51
N TYR A 37 -18.92 -7.40 12.06
CA TYR A 37 -18.08 -8.29 12.85
C TYR A 37 -17.90 -7.65 14.22
N GLU A 38 -17.43 -8.37 15.21
CA GLU A 38 -16.98 -7.69 16.44
C GLU A 38 -15.96 -6.53 16.19
N ARG A 39 -15.01 -6.78 15.26
CA ARG A 39 -14.03 -5.78 14.87
C ARG A 39 -14.67 -4.46 14.37
N THR A 40 -15.80 -4.56 13.70
CA THR A 40 -16.54 -3.42 13.29
C THR A 40 -16.87 -2.56 14.49
N ILE A 41 -17.42 -3.18 15.51
CA ILE A 41 -17.90 -2.45 16.70
C ILE A 41 -16.73 -1.85 17.45
N GLU A 42 -15.64 -2.64 17.47
CA GLU A 42 -14.42 -2.23 18.09
C GLU A 42 -13.78 -0.99 17.42
N ASN A 43 -13.72 -1.01 16.10
CA ASN A 43 -13.16 0.11 15.33
C ASN A 43 -13.95 1.43 15.61
N VAL A 44 -15.26 1.32 15.68
CA VAL A 44 -16.11 2.46 15.94
C VAL A 44 -15.95 2.98 17.38
N LEU A 45 -15.95 2.06 18.34
CA LEU A 45 -15.72 2.43 19.74
C LEU A 45 -14.32 3.02 20.02
N SER A 46 -13.32 2.52 19.29
CA SER A 46 -11.97 3.02 19.39
C SER A 46 -11.91 4.45 18.83
N ALA A 47 -12.60 4.64 17.72
CA ALA A 47 -12.70 5.93 17.07
C ALA A 47 -13.42 6.96 17.96
N ILE A 48 -14.56 6.54 18.52
CA ILE A 48 -15.36 7.42 19.35
C ILE A 48 -14.53 7.95 20.56
N GLN A 49 -13.65 7.15 21.12
CA GLN A 49 -12.78 7.61 22.20
C GLN A 49 -11.71 8.58 21.76
N ALA A 50 -11.36 8.64 20.46
CA ALA A 50 -10.42 9.64 19.97
C ALA A 50 -11.11 10.93 19.58
N SER A 51 -12.35 10.85 19.12
CA SER A 51 -13.10 12.04 18.65
C SER A 51 -14.55 11.78 18.73
N GLY A 52 -15.31 12.84 19.01
CA GLY A 52 -16.78 12.78 19.06
C GLY A 52 -17.44 13.27 17.79
N ASP A 53 -16.64 13.81 16.85
CA ASP A 53 -17.10 14.32 15.57
C ASP A 53 -17.41 13.10 14.68
N VAL A 54 -18.65 13.02 14.27
CA VAL A 54 -19.15 11.91 13.48
C VAL A 54 -18.29 11.68 12.23
N TRP A 55 -17.82 12.75 11.60
CA TRP A 55 -17.07 12.57 10.34
C TRP A 55 -15.69 11.96 10.61
N ARG A 56 -15.06 12.41 11.71
CA ARG A 56 -13.82 11.91 12.21
C ARG A 56 -13.95 10.48 12.69
N ILE A 57 -15.08 10.14 13.29
CA ILE A 57 -15.36 8.74 13.65
C ILE A 57 -15.40 7.85 12.39
N VAL A 58 -16.10 8.28 11.36
CA VAL A 58 -16.08 7.49 10.10
C VAL A 58 -14.66 7.34 9.52
N ASP A 59 -13.93 8.44 9.51
CA ASP A 59 -12.52 8.54 9.16
C ASP A 59 -11.67 7.56 9.94
N LEU A 60 -11.66 7.69 11.30
CA LEU A 60 -10.76 6.92 12.08
C LEU A 60 -11.07 5.43 12.16
N SER A 61 -12.34 5.12 12.08
CA SER A 61 -12.81 3.76 12.20
C SER A 61 -12.52 2.96 10.91
N GLU A 62 -12.46 3.65 9.76
CA GLU A 62 -12.24 3.00 8.46
C GLU A 62 -13.33 1.94 8.13
N GLU A 63 -14.56 2.21 8.62
CA GLU A 63 -15.71 1.46 8.26
C GLU A 63 -16.59 2.39 7.38
N PRO A 64 -17.41 1.77 6.54
CA PRO A 64 -18.24 2.49 5.61
C PRO A 64 -19.26 3.32 6.36
N LEU A 65 -19.53 4.50 5.84
CA LEU A 65 -20.37 5.46 6.60
C LEU A 65 -21.72 4.85 7.05
N PRO A 66 -22.43 4.14 6.14
CA PRO A 66 -23.75 3.63 6.61
C PRO A 66 -23.63 2.60 7.74
N LEU A 67 -22.56 1.83 7.71
CA LEU A 67 -22.28 0.91 8.80
C LEU A 67 -21.85 1.63 10.09
N VAL A 68 -21.03 2.68 10.02
CA VAL A 68 -20.69 3.46 11.25
C VAL A 68 -21.98 4.07 11.84
N VAL A 69 -22.84 4.55 10.95
CA VAL A 69 -24.14 5.12 11.42
C VAL A 69 -25.00 4.08 12.12
N ALA A 70 -25.07 2.89 11.56
CA ALA A 70 -25.81 1.79 12.19
C ALA A 70 -25.23 1.38 13.57
N VAL A 71 -23.92 1.22 13.64
CA VAL A 71 -23.24 0.91 14.89
C VAL A 71 -23.48 2.03 15.91
N VAL A 72 -23.29 3.27 15.52
CA VAL A 72 -23.49 4.37 16.48
C VAL A 72 -24.94 4.48 16.98
N THR A 73 -25.89 4.22 16.09
CA THR A 73 -27.31 4.21 16.47
C THR A 73 -27.63 3.06 17.41
N ALA A 74 -27.13 1.86 17.07
CA ALA A 74 -27.33 0.69 17.92
C ALA A 74 -26.75 0.93 19.32
N LEU A 75 -25.54 1.50 19.37
CA LEU A 75 -24.92 1.88 20.63
C LEU A 75 -25.76 2.90 21.43
N TYR A 76 -26.32 3.87 20.71
CA TYR A 76 -27.17 4.88 21.29
C TYR A 76 -28.44 4.29 21.86
N GLU A 77 -29.09 3.49 21.04
CA GLU A 77 -30.30 2.85 21.47
C GLU A 77 -30.17 2.06 22.76
N LEU A 78 -29.03 1.43 22.96
CA LEU A 78 -28.79 0.56 24.10
C LEU A 78 -28.02 1.23 25.23
N GLY A 79 -27.77 2.53 25.16
CA GLY A 79 -27.21 3.26 26.32
C GLY A 79 -25.72 3.39 26.43
N TYR A 80 -25.00 2.96 25.40
CA TYR A 80 -23.56 2.95 25.44
C TYR A 80 -23.01 4.28 24.96
N VAL A 81 -23.76 4.98 24.09
CA VAL A 81 -23.38 6.36 23.65
C VAL A 81 -24.49 7.37 23.84
N ALA A 82 -24.09 8.62 24.01
CA ALA A 82 -24.99 9.76 24.04
C ALA A 82 -24.52 10.84 23.04
N PHE A 83 -25.43 11.72 22.68
CA PHE A 83 -25.11 12.85 21.88
C PHE A 83 -25.08 14.08 22.77
N GLU A 84 -23.96 14.79 22.82
CA GLU A 84 -23.84 15.95 23.70
C GLU A 84 -22.98 16.97 23.02
N ASN A 85 -23.52 18.19 22.95
CA ASN A 85 -22.93 19.26 22.21
C ASN A 85 -22.56 18.85 20.82
N ASN A 86 -23.47 18.15 20.16
CA ASN A 86 -23.26 17.69 18.82
C ASN A 86 -22.20 16.61 18.66
N GLN A 87 -21.66 16.10 19.77
CA GLN A 87 -20.60 15.07 19.75
C GLN A 87 -21.17 13.70 20.14
N VAL A 88 -20.60 12.62 19.57
CA VAL A 88 -20.91 11.26 20.01
C VAL A 88 -19.98 10.90 21.16
N ILE A 89 -20.52 10.55 22.33
CA ILE A 89 -19.64 10.27 23.46
C ILE A 89 -20.07 9.01 24.16
N LEU A 90 -19.11 8.36 24.79
CA LEU A 90 -19.43 7.21 25.56
C LEU A 90 -20.06 7.67 26.90
N THR A 91 -21.07 6.91 27.27
CA THR A 91 -21.74 7.03 28.56
C THR A 91 -20.96 6.26 29.59
N ARG A 92 -21.45 6.18 30.82
CA ARG A 92 -20.76 5.37 31.79
C ARG A 92 -20.82 3.92 31.36
N LYS A 93 -21.97 3.53 30.89
CA LYS A 93 -22.13 2.18 30.47
C LYS A 93 -21.13 1.87 29.30
N GLY A 94 -20.98 2.82 28.40
CA GLY A 94 -20.02 2.70 27.29
C GLY A 94 -18.59 2.64 27.73
N LYS A 95 -18.24 3.46 28.72
CA LYS A 95 -16.90 3.34 29.34
C LYS A 95 -16.66 1.97 29.94
N GLU A 96 -17.64 1.43 30.63
CA GLU A 96 -17.51 0.06 31.13
C GLU A 96 -17.34 -1.00 30.00
N LEU A 97 -18.07 -0.85 28.89
CA LEU A 97 -17.90 -1.76 27.74
C LEU A 97 -16.44 -1.72 27.19
N VAL A 98 -15.92 -0.53 26.90
CA VAL A 98 -14.55 -0.44 26.34
C VAL A 98 -13.48 -0.92 27.33
N GLU A 99 -13.73 -0.63 28.61
CA GLU A 99 -12.81 -1.11 29.67
C GLU A 99 -12.81 -2.64 29.71
N LYS A 100 -13.98 -3.24 29.64
CA LYS A 100 -14.09 -4.70 29.57
C LYS A 100 -13.43 -5.37 28.37
N TYR A 101 -13.66 -4.85 27.16
CA TYR A 101 -13.12 -5.45 25.95
C TYR A 101 -11.71 -4.98 25.69
N GLY A 102 -11.18 -4.07 26.55
CA GLY A 102 -9.86 -3.52 26.35
C GLY A 102 -9.72 -2.76 25.03
N ILE A 103 -10.65 -1.88 24.73
CA ILE A 103 -10.63 -1.09 23.50
C ILE A 103 -10.15 0.32 23.85
N GLY A 104 -8.95 0.66 23.44
CA GLY A 104 -8.42 2.02 23.67
C GLY A 104 -8.81 3.00 22.56
N PRO A 105 -8.54 4.32 22.76
CA PRO A 105 -8.74 5.34 21.77
C PRO A 105 -7.83 5.11 20.55
N ARG A 106 -8.35 5.33 19.35
CA ARG A 106 -7.59 5.05 18.14
C ARG A 106 -6.46 6.06 17.99
N ALA A 107 -5.24 5.55 17.89
CA ALA A 107 -4.07 6.39 17.69
C ALA A 107 -3.89 6.65 16.20
N ASP A 108 -3.32 7.82 15.86
CA ASP A 108 -2.95 8.09 14.47
C ASP A 108 -1.62 8.79 14.41
N TYR A 109 -0.67 8.13 13.75
CA TYR A 109 0.70 8.56 13.62
C TYR A 109 1.01 8.89 12.15
N THR A 110 0.03 9.35 11.40
CA THR A 110 0.23 9.65 9.98
C THR A 110 1.37 10.66 9.84
N CYS A 111 2.33 10.39 8.97
CA CYS A 111 3.44 11.28 8.78
C CYS A 111 2.94 12.68 8.49
N SER A 112 3.35 13.64 9.32
CA SER A 112 2.84 15.00 9.22
C SER A 112 3.38 15.73 8.01
N HIS A 113 4.54 15.35 7.48
CA HIS A 113 5.05 16.08 6.28
C HIS A 113 4.47 15.58 4.95
N CYS A 114 4.38 14.28 4.73
CA CYS A 114 3.80 13.77 3.48
C CYS A 114 2.30 13.49 3.56
N GLN A 115 1.66 13.68 4.73
CA GLN A 115 0.27 13.27 4.95
C GLN A 115 0.01 11.79 4.72
N GLY A 116 1.02 10.97 4.93
CA GLY A 116 0.94 9.55 4.68
C GLY A 116 0.99 9.18 3.22
N ARG A 117 1.34 10.11 2.33
CA ARG A 117 1.37 9.77 0.90
C ARG A 117 2.60 8.99 0.43
N THR A 118 3.62 8.93 1.28
CA THR A 118 4.92 8.32 1.02
C THR A 118 5.83 9.16 0.14
N VAL A 119 5.29 10.18 -0.53
CA VAL A 119 6.06 11.01 -1.46
C VAL A 119 5.94 12.42 -0.97
N GLU A 120 7.02 13.17 -1.07
CA GLU A 120 7.01 14.61 -0.81
C GLU A 120 7.00 15.40 -2.17
N ILE A 121 6.39 16.56 -2.12
CA ILE A 121 6.20 17.39 -3.31
C ILE A 121 6.97 18.74 -3.36
N ASP A 122 7.90 18.96 -2.43
CA ASP A 122 8.78 20.17 -2.44
C ASP A 122 9.23 20.49 -3.88
N ALA A 123 9.68 19.45 -4.60
CA ALA A 123 10.20 19.54 -5.97
C ALA A 123 9.21 19.88 -7.07
N PHE A 124 7.94 19.94 -6.70
CA PHE A 124 6.84 20.24 -7.58
C PHE A 124 6.09 21.48 -7.07
N SER A 125 6.75 22.34 -6.29
CA SER A 125 6.09 23.60 -5.79
C SER A 125 5.65 24.60 -6.90
N GLU A 126 6.46 24.69 -7.96
CA GLU A 126 6.11 25.43 -9.19
C GLU A 126 4.77 24.90 -9.73
N LEU A 127 4.74 23.59 -10.04
CA LEU A 127 3.56 22.90 -10.58
C LEU A 127 2.33 23.12 -9.73
N LEU A 128 2.51 23.13 -8.42
CA LEU A 128 1.39 23.26 -7.51
C LEU A 128 0.72 24.62 -7.60
N GLU A 129 1.52 25.67 -7.50
CA GLU A 129 0.96 27.01 -7.63
C GLU A 129 0.30 27.15 -8.98
N GLN A 130 0.98 26.72 -10.03
CA GLN A 130 0.38 26.75 -11.38
C GLN A 130 -0.98 26.01 -11.46
N PHE A 131 -1.03 24.80 -10.88
CA PHE A 131 -2.27 24.02 -10.88
C PHE A 131 -3.34 24.70 -10.05
N LYS A 132 -2.97 25.23 -8.88
CA LYS A 132 -3.95 25.99 -8.08
C LYS A 132 -4.51 27.18 -8.86
N GLU A 133 -3.62 27.94 -9.51
CA GLU A 133 -4.08 29.13 -10.24
C GLU A 133 -4.96 28.75 -11.43
N ILE A 134 -4.58 27.70 -12.16
CA ILE A 134 -5.36 27.31 -13.33
C ILE A 134 -6.72 26.74 -12.91
N THR A 135 -6.82 26.19 -11.71
CA THR A 135 -8.05 25.52 -11.28
C THR A 135 -8.99 26.35 -10.39
N ARG A 136 -8.66 27.60 -10.14
CA ARG A 136 -9.52 28.52 -9.35
C ARG A 136 -10.99 28.51 -9.78
N ASP A 137 -11.26 28.50 -11.08
CA ASP A 137 -12.64 28.54 -11.59
C ASP A 137 -13.08 27.17 -12.17
N ARG A 138 -12.69 26.07 -11.52
CA ARG A 138 -13.05 24.79 -12.11
C ARG A 138 -14.54 24.55 -11.92
N PRO A 139 -15.14 23.67 -12.73
CA PRO A 139 -16.55 23.40 -12.59
C PRO A 139 -16.89 22.84 -11.22
N GLU A 140 -17.98 23.30 -10.65
CA GLU A 140 -18.40 22.87 -9.32
C GLU A 140 -18.90 21.45 -9.38
N PRO A 141 -18.54 20.62 -8.37
CA PRO A 141 -18.92 19.20 -8.41
C PRO A 141 -20.44 19.07 -8.53
N ALA A 142 -20.87 18.32 -9.53
CA ALA A 142 -22.28 18.14 -9.77
C ALA A 142 -22.71 16.91 -9.02
N HIS A 143 -23.75 17.05 -8.22
CA HIS A 143 -24.40 15.91 -7.59
C HIS A 143 -24.77 14.80 -8.60
N GLN A 144 -25.41 15.11 -9.71
CA GLN A 144 -25.86 14.06 -10.64
C GLN A 144 -24.73 13.18 -11.18
N PHE A 145 -23.54 13.75 -11.32
CA PHE A 145 -22.37 12.94 -11.57
C PHE A 145 -21.84 12.54 -10.20
N ASP A 146 -20.71 11.86 -10.08
CA ASP A 146 -20.46 11.38 -8.71
C ASP A 146 -19.45 12.30 -8.00
N GLN A 147 -19.49 13.60 -8.29
CA GLN A 147 -18.26 14.40 -8.25
C GLN A 147 -17.76 14.91 -6.91
N ALA A 148 -16.45 14.85 -6.82
CA ALA A 148 -15.67 15.57 -5.88
C ALA A 148 -14.21 15.49 -6.40
N TYR A 149 -13.51 16.59 -6.20
CA TYR A 149 -12.16 16.70 -6.66
C TYR A 149 -11.24 16.57 -5.48
N VAL A 150 -10.05 16.07 -5.74
CA VAL A 150 -9.04 15.96 -4.68
C VAL A 150 -8.35 17.32 -4.50
N THR A 151 -7.68 17.48 -3.37
CA THR A 151 -6.90 18.65 -3.12
C THR A 151 -5.78 18.79 -4.16
N PRO A 152 -5.35 20.04 -4.41
CA PRO A 152 -4.28 20.30 -5.34
C PRO A 152 -3.03 19.56 -4.94
N GLU A 153 -2.84 19.42 -3.63
CA GLU A 153 -1.69 18.73 -3.08
C GLU A 153 -1.73 17.22 -3.40
N THR A 154 -2.92 16.66 -3.29
CA THR A 154 -3.16 15.32 -3.73
C THR A 154 -2.79 15.17 -5.20
N THR A 155 -3.32 16.05 -6.03
CA THR A 155 -3.05 16.00 -7.48
C THR A 155 -1.60 15.96 -7.82
N VAL A 156 -0.84 16.85 -7.20
CA VAL A 156 0.57 16.92 -7.48
C VAL A 156 1.30 15.73 -6.89
N ALA A 157 0.95 15.37 -5.65
CA ALA A 157 1.51 14.11 -5.11
C ALA A 157 1.22 12.92 -6.04
N ARG A 158 0.07 12.87 -6.69
CA ARG A 158 -0.18 11.80 -7.72
C ARG A 158 0.86 11.82 -8.84
N VAL A 159 1.19 13.02 -9.31
CA VAL A 159 2.19 13.20 -10.37
C VAL A 159 3.53 12.76 -9.85
N ALA A 160 3.90 13.13 -8.62
CA ALA A 160 5.18 12.69 -8.08
C ALA A 160 5.24 11.18 -7.91
N LEU A 161 4.13 10.58 -7.48
CA LEU A 161 4.12 9.12 -7.29
C LEU A 161 4.26 8.39 -8.65
N MET A 162 3.45 8.75 -9.61
CA MET A 162 3.45 8.12 -10.92
C MET A 162 4.82 8.29 -11.59
N HIS A 163 5.38 9.48 -11.39
CA HIS A 163 6.74 9.78 -11.90
C HIS A 163 7.77 8.95 -11.20
N SER A 164 7.70 8.84 -9.88
CA SER A 164 8.70 8.05 -9.17
C SER A 164 8.65 6.54 -9.47
N ARG A 165 7.49 6.04 -9.92
CA ARG A 165 7.36 4.66 -10.45
C ARG A 165 7.64 4.49 -11.97
N GLY A 166 8.06 5.56 -12.64
CA GLY A 166 8.48 5.45 -14.04
C GLY A 166 7.30 5.37 -15.00
N ASP A 167 6.16 5.94 -14.63
CA ASP A 167 4.96 5.78 -15.45
C ASP A 167 4.47 7.08 -16.16
N LEU A 168 5.26 8.17 -16.13
CA LEU A 168 4.82 9.38 -16.86
C LEU A 168 5.70 9.88 -17.98
N GLU A 169 7.00 9.89 -17.76
CA GLU A 169 7.94 10.62 -18.61
C GLU A 169 8.05 9.97 -19.97
N ASN A 170 7.60 10.70 -20.96
CA ASN A 170 7.54 10.22 -22.33
C ASN A 170 6.54 9.09 -22.50
N LYS A 171 5.54 8.99 -21.63
CA LYS A 171 4.55 7.89 -21.64
C LYS A 171 3.26 8.39 -22.22
N GLU A 172 2.45 7.45 -22.69
CA GLU A 172 1.10 7.79 -23.16
C GLU A 172 0.12 7.46 -22.03
N VAL A 173 -0.53 8.50 -21.53
CA VAL A 173 -1.33 8.42 -20.33
C VAL A 173 -2.82 8.62 -20.63
N PHE A 174 -3.67 7.68 -20.18
CA PHE A 174 -5.11 7.74 -20.36
C PHE A 174 -5.75 8.11 -19.03
N VAL A 175 -6.53 9.17 -19.00
CA VAL A 175 -7.23 9.59 -17.81
C VAL A 175 -8.72 9.32 -17.98
N LEU A 176 -9.25 8.41 -17.18
CA LEU A 176 -10.61 7.90 -17.40
C LEU A 176 -11.48 8.54 -16.33
N GLY A 177 -12.19 9.60 -16.68
CA GLY A 177 -12.87 10.40 -15.70
C GLY A 177 -11.89 11.44 -15.22
N ASP A 178 -12.31 12.69 -15.12
CA ASP A 178 -11.38 13.64 -14.58
C ASP A 178 -11.92 14.86 -13.86
N ASP A 179 -12.80 14.67 -12.87
CA ASP A 179 -13.17 15.81 -12.05
C ASP A 179 -12.04 16.29 -11.21
N ASP A 180 -11.01 15.48 -11.03
CA ASP A 180 -9.85 15.89 -10.29
C ASP A 180 -8.96 16.84 -11.07
N LEU A 181 -9.18 16.92 -12.37
CA LEU A 181 -8.30 17.60 -13.30
C LEU A 181 -6.84 17.13 -13.26
N THR A 182 -6.64 15.83 -13.12
CA THR A 182 -5.30 15.28 -13.25
C THR A 182 -4.71 15.56 -14.64
N SER A 183 -5.50 15.52 -15.69
CA SER A 183 -5.00 15.76 -17.02
C SER A 183 -4.40 17.17 -17.17
N VAL A 184 -4.90 18.12 -16.40
CA VAL A 184 -4.32 19.48 -16.37
C VAL A 184 -2.96 19.55 -15.68
N ALA A 185 -2.84 18.95 -14.50
CA ALA A 185 -1.57 18.84 -13.82
C ALA A 185 -0.61 18.07 -14.69
N LEU A 186 -1.11 17.07 -15.41
CA LEU A 186 -0.17 16.35 -16.26
C LEU A 186 0.37 17.24 -17.41
N MET A 187 -0.49 18.09 -17.97
CA MET A 187 -0.07 19.01 -19.03
C MET A 187 0.98 19.96 -18.49
N LEU A 188 0.73 20.55 -17.32
CA LEU A 188 1.69 21.48 -16.72
C LEU A 188 2.98 20.77 -16.40
N SER A 189 2.98 19.49 -16.04
CA SER A 189 4.25 18.80 -15.72
C SER A 189 5.14 18.68 -16.91
N GLY A 190 4.56 18.63 -18.09
CA GLY A 190 5.28 18.40 -19.32
C GLY A 190 5.87 17.01 -19.46
N LEU A 191 5.47 16.04 -18.64
CA LEU A 191 6.13 14.74 -18.66
C LEU A 191 5.61 13.80 -19.74
N PRO A 192 4.31 13.69 -19.91
CA PRO A 192 3.87 12.69 -20.82
C PRO A 192 4.24 12.97 -22.27
N LYS A 193 4.43 11.94 -23.05
CA LYS A 193 4.43 12.08 -24.49
C LYS A 193 3.04 12.50 -24.98
N ARG A 194 1.97 11.86 -24.46
CA ARG A 194 0.62 12.34 -24.77
C ARG A 194 -0.36 11.96 -23.74
N ILE A 195 -1.48 12.64 -23.80
CA ILE A 195 -2.55 12.49 -22.82
C ILE A 195 -3.86 12.26 -23.57
N ALA A 196 -4.70 11.32 -23.09
CA ALA A 196 -6.09 11.23 -23.51
C ALA A 196 -6.99 11.30 -22.29
N VAL A 197 -8.11 11.98 -22.41
CA VAL A 197 -9.02 12.11 -21.28
C VAL A 197 -10.43 11.92 -21.76
N LEU A 198 -11.24 11.30 -20.91
CA LEU A 198 -12.66 11.03 -21.18
C LEU A 198 -13.48 11.38 -19.95
N ASP A 199 -14.59 12.10 -20.10
CA ASP A 199 -15.52 12.25 -19.00
C ASP A 199 -16.92 12.44 -19.50
N ILE A 200 -17.92 12.11 -18.70
CA ILE A 200 -19.33 12.42 -19.11
C ILE A 200 -19.62 13.90 -19.06
N ASP A 201 -19.00 14.59 -18.14
CA ASP A 201 -19.41 15.98 -17.83
C ASP A 201 -18.77 16.89 -18.85
N GLU A 202 -19.56 17.38 -19.81
CA GLU A 202 -19.03 18.28 -20.83
C GLU A 202 -18.45 19.60 -20.25
N ARG A 203 -18.85 19.99 -19.05
CA ARG A 203 -18.23 21.14 -18.39
C ARG A 203 -16.75 20.90 -18.13
N LEU A 204 -16.42 19.65 -17.79
CA LEU A 204 -15.03 19.30 -17.50
C LEU A 204 -14.20 19.25 -18.73
N THR A 205 -14.74 18.63 -19.77
CA THR A 205 -13.97 18.46 -20.99
C THR A 205 -13.77 19.79 -21.70
N LYS A 206 -14.77 20.68 -21.61
CA LYS A 206 -14.63 22.05 -22.08
C LYS A 206 -13.49 22.75 -21.37
N PHE A 207 -13.51 22.69 -20.03
CA PHE A 207 -12.49 23.28 -19.21
C PHE A 207 -11.10 22.76 -19.56
N ILE A 208 -10.96 21.43 -19.70
CA ILE A 208 -9.68 20.84 -20.05
C ILE A 208 -9.24 21.30 -21.46
N GLU A 209 -10.15 21.31 -22.43
CA GLU A 209 -9.82 21.85 -23.80
C GLU A 209 -9.23 23.24 -23.72
N LYS A 210 -9.92 24.12 -23.00
CA LYS A 210 -9.47 25.49 -22.82
C LYS A 210 -8.11 25.58 -22.21
N ALA A 211 -7.90 24.80 -21.14
CA ALA A 211 -6.59 24.74 -20.52
C ALA A 211 -5.55 24.23 -21.45
N ALA A 212 -5.87 23.22 -22.28
CA ALA A 212 -4.90 22.74 -23.27
C ALA A 212 -4.54 23.87 -24.28
N ASP A 213 -5.56 24.63 -24.67
CA ASP A 213 -5.42 25.74 -25.62
C ASP A 213 -4.53 26.88 -25.10
N GLU A 214 -4.77 27.25 -23.85
CA GLU A 214 -4.01 28.32 -23.17
C GLU A 214 -2.60 27.87 -22.82
N ILE A 215 -2.46 26.72 -22.16
CA ILE A 215 -1.13 26.11 -21.97
C ILE A 215 -0.44 25.83 -23.31
N GLY A 216 -1.21 25.75 -24.38
CA GLY A 216 -0.69 25.36 -25.68
C GLY A 216 -0.09 23.95 -25.65
N TYR A 217 -0.68 23.03 -24.88
CA TYR A 217 -0.28 21.61 -24.92
C TYR A 217 -0.94 20.98 -26.16
N GLU A 218 -0.16 20.47 -27.10
CA GLU A 218 -0.73 20.08 -28.37
C GLU A 218 -1.16 18.61 -28.39
N ASN A 219 -0.49 17.71 -27.64
CA ASN A 219 -0.77 16.26 -27.72
C ASN A 219 -1.76 15.69 -26.67
N ILE A 220 -2.95 16.24 -26.64
CA ILE A 220 -3.99 15.79 -25.75
C ILE A 220 -5.22 15.55 -26.58
N GLU A 221 -5.90 14.40 -26.37
CA GLU A 221 -7.20 14.13 -27.04
C GLU A 221 -8.28 14.04 -25.97
N ILE A 222 -9.37 14.75 -26.17
CA ILE A 222 -10.40 14.90 -25.18
C ILE A 222 -11.67 14.28 -25.76
N PHE A 223 -12.35 13.46 -24.97
CA PHE A 223 -13.60 12.84 -25.38
C PHE A 223 -14.67 13.09 -24.33
N THR A 224 -15.89 13.35 -24.79
CA THR A 224 -16.98 13.61 -23.89
C THR A 224 -18.10 12.71 -24.20
N PHE A 225 -18.26 11.71 -23.36
CA PHE A 225 -19.43 10.87 -23.36
C PHE A 225 -19.45 9.96 -22.14
N ASP A 226 -20.53 9.19 -22.06
CA ASP A 226 -20.84 8.22 -21.02
C ASP A 226 -19.94 6.96 -21.13
N LEU A 227 -20.42 5.84 -21.66
CA LEU A 227 -19.80 4.50 -21.49
C LEU A 227 -19.53 3.80 -22.80
N ARG A 228 -18.95 2.60 -22.76
CA ARG A 228 -18.87 1.81 -23.99
C ARG A 228 -19.74 0.61 -24.05
N PRO A 232 -12.98 2.89 -27.69
CA PRO A 232 -12.82 3.10 -29.11
C PRO A 232 -11.52 2.52 -29.70
N ASP A 233 -11.35 2.58 -31.00
CA ASP A 233 -10.02 2.40 -31.63
C ASP A 233 -9.01 3.26 -30.90
N TYR A 234 -9.37 4.51 -30.70
CA TYR A 234 -8.44 5.46 -30.20
C TYR A 234 -7.89 5.12 -28.78
N ALA A 235 -8.55 4.24 -28.03
CA ALA A 235 -8.05 3.86 -26.72
C ALA A 235 -7.41 2.47 -26.66
N LEU A 236 -7.88 1.51 -27.45
CA LEU A 236 -7.62 0.12 -27.12
C LEU A 236 -6.18 -0.25 -27.36
N HIS A 237 -5.50 -0.78 -26.33
CA HIS A 237 -4.09 -1.19 -26.44
C HIS A 237 -3.15 -0.06 -26.87
N LYS A 238 -3.43 1.18 -26.54
CA LYS A 238 -2.58 2.26 -27.05
C LYS A 238 -1.82 3.06 -25.98
N PHE A 239 -1.99 2.76 -24.69
CA PHE A 239 -1.39 3.60 -23.63
C PHE A 239 -0.44 2.82 -22.70
N ASP A 240 0.43 3.58 -22.03
CA ASP A 240 1.40 3.03 -21.12
C ASP A 240 0.85 3.00 -19.71
N THR A 241 -0.04 3.95 -19.40
CA THR A 241 -0.49 4.20 -18.03
C THR A 241 -1.91 4.67 -18.06
N PHE A 242 -2.72 4.28 -17.08
CA PHE A 242 -4.02 4.89 -16.91
C PHE A 242 -4.25 5.33 -15.51
N ILE A 243 -5.11 6.31 -15.37
CA ILE A 243 -5.59 6.70 -14.06
C ILE A 243 -7.08 6.95 -14.04
N THR A 244 -7.75 6.54 -12.95
CA THR A 244 -9.20 6.62 -12.89
C THR A 244 -9.60 6.60 -11.44
N ASP A 245 -10.78 7.05 -11.12
CA ASP A 245 -11.15 7.11 -9.72
C ASP A 245 -12.62 6.70 -9.69
N PRO A 246 -12.91 5.39 -9.63
CA PRO A 246 -14.24 4.96 -10.06
C PRO A 246 -15.31 5.14 -8.99
N PRO A 247 -16.57 4.96 -9.38
CA PRO A 247 -17.64 4.98 -8.37
C PRO A 247 -17.49 3.71 -7.56
N GLU A 248 -17.95 3.74 -6.33
CA GLU A 248 -17.60 2.67 -5.42
C GLU A 248 -18.52 1.49 -5.25
N THR A 249 -18.59 0.72 -6.31
CA THR A 249 -19.31 -0.51 -6.34
C THR A 249 -18.38 -1.47 -7.07
N VAL A 250 -18.58 -2.77 -6.85
CA VAL A 250 -17.75 -3.77 -7.48
C VAL A 250 -17.89 -3.67 -8.99
N GLU A 251 -19.13 -3.49 -9.45
CA GLU A 251 -19.42 -3.46 -10.90
C GLU A 251 -18.74 -2.25 -11.58
N ALA A 252 -18.74 -1.11 -10.91
CA ALA A 252 -18.14 0.10 -11.43
C ALA A 252 -16.63 0.01 -11.44
N ILE A 253 -16.07 -0.62 -10.42
CA ILE A 253 -14.65 -0.81 -10.29
C ILE A 253 -14.17 -1.75 -11.36
N ARG A 254 -14.86 -2.88 -11.49
CA ARG A 254 -14.63 -3.83 -12.57
C ARG A 254 -14.69 -3.15 -13.93
N ALA A 255 -15.70 -2.33 -14.19
CA ALA A 255 -15.82 -1.71 -15.53
C ALA A 255 -14.81 -0.61 -15.76
N PHE A 256 -14.62 0.27 -14.78
CA PHE A 256 -13.69 1.38 -14.95
C PHE A 256 -12.27 0.89 -14.97
N VAL A 257 -11.88 0.11 -13.98
CA VAL A 257 -10.47 -0.34 -13.93
C VAL A 257 -10.21 -1.28 -15.10
N GLY A 258 -11.16 -2.15 -15.39
CA GLY A 258 -10.97 -3.10 -16.50
C GLY A 258 -10.88 -2.42 -17.86
N ARG A 259 -11.63 -1.34 -18.02
CA ARG A 259 -11.51 -0.51 -19.24
C ARG A 259 -10.15 0.11 -19.28
N GLY A 260 -9.70 0.58 -18.12
CA GLY A 260 -8.35 1.18 -18.00
C GLY A 260 -7.33 0.15 -18.45
N ILE A 261 -7.47 -1.07 -17.96
CA ILE A 261 -6.52 -2.11 -18.34
C ILE A 261 -6.57 -2.37 -19.86
N ALA A 262 -7.75 -2.34 -20.43
CA ALA A 262 -7.91 -2.49 -21.89
C ALA A 262 -7.19 -1.41 -22.75
N THR A 263 -6.97 -0.23 -22.21
CA THR A 263 -6.22 0.78 -22.95
C THR A 263 -4.72 0.53 -22.99
N LEU A 264 -4.24 -0.35 -22.11
CA LEU A 264 -2.81 -0.62 -21.97
C LEU A 264 -2.27 -1.48 -23.11
N LYS A 265 -1.04 -1.16 -23.53
CA LYS A 265 -0.35 -1.83 -24.64
C LYS A 265 -0.09 -3.30 -24.44
N GLY A 266 0.20 -3.69 -23.21
CA GLY A 266 0.69 -5.03 -22.99
C GLY A 266 1.23 -5.11 -21.59
N PRO A 267 2.09 -6.06 -21.37
CA PRO A 267 2.67 -6.20 -20.03
C PRO A 267 3.57 -5.02 -19.71
N GLY A 268 3.80 -4.75 -18.45
CA GLY A 268 4.72 -3.66 -18.13
C GLY A 268 4.10 -2.30 -18.01
N CYS A 269 2.79 -2.24 -18.08
CA CYS A 269 2.05 -0.98 -18.05
C CYS A 269 1.32 -0.86 -16.71
N ALA A 270 0.86 0.34 -16.40
CA ALA A 270 0.46 0.68 -15.06
C ALA A 270 -0.91 1.29 -15.03
N GLY A 271 -1.61 1.13 -13.93
CA GLY A 271 -2.78 1.88 -13.66
C GLY A 271 -2.85 2.29 -12.22
N TYR A 272 -3.58 3.37 -11.99
CA TYR A 272 -3.70 3.99 -10.73
C TYR A 272 -5.14 4.30 -10.47
N PHE A 273 -5.62 4.01 -9.25
CA PHE A 273 -6.98 4.33 -8.92
C PHE A 273 -7.21 4.37 -7.41
N GLY A 274 -8.20 5.11 -6.98
CA GLY A 274 -8.62 5.17 -5.57
C GLY A 274 -9.73 4.23 -5.18
N ILE A 275 -9.61 3.64 -3.98
CA ILE A 275 -10.64 2.85 -3.39
C ILE A 275 -10.73 3.34 -1.95
N THR A 276 -11.94 3.53 -1.50
CA THR A 276 -12.27 4.12 -0.24
C THR A 276 -12.60 3.01 0.80
N ARG A 277 -12.35 3.28 2.08
CA ARG A 277 -12.97 2.56 3.19
C ARG A 277 -14.29 3.31 3.63
N ARG A 278 -14.51 4.51 3.11
CA ARG A 278 -15.73 5.28 3.44
C ARG A 278 -17.04 4.73 2.88
N GLU A 279 -16.95 4.09 1.72
CA GLU A 279 -18.06 3.68 0.95
C GLU A 279 -17.97 2.20 0.58
N SER A 280 -16.85 1.52 0.88
CA SER A 280 -16.67 0.05 0.61
C SER A 280 -16.11 -0.66 1.85
N SER A 281 -16.78 -1.73 2.26
CA SER A 281 -16.38 -2.58 3.35
C SER A 281 -15.18 -3.45 2.84
N LEU A 282 -14.44 -4.00 3.76
CA LEU A 282 -13.34 -4.91 3.44
C LEU A 282 -13.83 -6.18 2.77
N ASP A 283 -15.07 -6.59 3.07
CA ASP A 283 -15.69 -7.69 2.28
C ASP A 283 -15.77 -7.29 0.80
N LYS A 284 -16.21 -6.07 0.52
CA LYS A 284 -16.18 -5.55 -0.85
C LYS A 284 -14.75 -5.44 -1.40
N TRP A 285 -13.80 -4.99 -0.56
CA TRP A 285 -12.38 -4.97 -0.94
C TRP A 285 -11.90 -6.37 -1.39
N ARG A 286 -12.31 -7.43 -0.70
CA ARG A 286 -11.94 -8.78 -1.10
C ARG A 286 -12.46 -9.14 -2.50
N GLU A 287 -13.73 -8.84 -2.78
CA GLU A 287 -14.30 -9.09 -4.12
C GLU A 287 -13.57 -8.28 -5.19
N ILE A 288 -13.25 -7.03 -4.91
CA ILE A 288 -12.52 -6.16 -5.86
C ILE A 288 -11.16 -6.77 -6.20
N GLN A 289 -10.44 -7.17 -5.15
CA GLN A 289 -9.10 -7.76 -5.29
C GLN A 289 -9.12 -9.08 -6.03
N ARG A 290 -10.14 -9.89 -5.80
CA ARG A 290 -10.32 -11.11 -6.66
C ARG A 290 -10.62 -10.80 -8.13
N VAL A 291 -11.39 -9.75 -8.40
CA VAL A 291 -11.55 -9.24 -9.77
C VAL A 291 -10.20 -8.93 -10.39
N LEU A 292 -9.38 -8.14 -9.68
CA LEU A 292 -8.12 -7.66 -10.23
C LEU A 292 -7.13 -8.79 -10.50
N LEU A 293 -7.04 -9.72 -9.59
CA LEU A 293 -6.12 -10.87 -9.70
C LEU A 293 -6.62 -12.07 -10.56
N ASN A 294 -7.91 -12.35 -10.53
CA ASN A 294 -8.47 -13.55 -11.20
C ASN A 294 -9.10 -13.23 -12.53
N GLU A 295 -9.87 -12.16 -12.65
CA GLU A 295 -10.49 -11.79 -13.93
C GLU A 295 -9.50 -11.00 -14.78
N PHE A 296 -8.79 -10.02 -14.19
CA PHE A 296 -7.86 -9.26 -15.04
C PHE A 296 -6.43 -9.81 -15.07
N GLY A 297 -6.01 -10.55 -14.04
CA GLY A 297 -4.67 -11.08 -13.95
C GLY A 297 -3.59 -10.01 -13.80
N VAL A 298 -3.92 -8.88 -13.16
CA VAL A 298 -2.93 -7.85 -12.87
C VAL A 298 -2.39 -8.03 -11.45
N VAL A 299 -1.25 -7.43 -11.15
CA VAL A 299 -0.64 -7.52 -9.80
C VAL A 299 -0.81 -6.16 -9.13
N ILE A 300 -1.06 -6.16 -7.82
CA ILE A 300 -1.19 -4.93 -7.07
C ILE A 300 0.16 -4.58 -6.53
N THR A 301 0.73 -3.49 -6.99
CA THR A 301 2.02 -3.07 -6.47
C THR A 301 2.06 -2.11 -5.28
N ASP A 302 0.98 -1.37 -5.02
CA ASP A 302 0.96 -0.41 -3.94
C ASP A 302 -0.50 -0.21 -3.50
N ILE A 303 -0.73 -0.09 -2.19
CA ILE A 303 -1.99 0.23 -1.59
C ILE A 303 -1.67 1.18 -0.47
N ILE A 304 -1.97 2.46 -0.66
CA ILE A 304 -1.48 3.50 0.25
C ILE A 304 -2.66 4.22 0.90
N ARG A 305 -2.77 4.07 2.24
CA ARG A 305 -3.91 4.54 2.95
C ARG A 305 -4.01 6.07 2.84
N ASN A 306 -5.21 6.54 2.60
CA ASN A 306 -5.56 7.98 2.63
C ASN A 306 -4.71 8.86 1.79
N PHE A 307 -4.14 8.30 0.71
CA PHE A 307 -3.37 9.08 -0.22
C PHE A 307 -4.16 10.24 -0.80
N ASN A 308 -5.42 10.01 -1.18
CA ASN A 308 -6.24 10.96 -1.80
C ASN A 308 -7.15 11.62 -0.77
N GLU A 309 -7.08 12.93 -0.72
CA GLU A 309 -7.91 13.80 0.17
C GLU A 309 -8.88 14.57 -0.70
N TYR A 310 -10.18 14.36 -0.46
CA TYR A 310 -11.23 14.96 -1.24
C TYR A 310 -11.75 16.28 -0.66
N VAL A 311 -11.87 17.27 -1.51
CA VAL A 311 -12.44 18.55 -1.07
C VAL A 311 -13.92 18.37 -0.83
N ASN A 312 -14.35 18.70 0.38
CA ASN A 312 -15.77 18.68 0.74
C ASN A 312 -16.59 19.36 -0.34
N TRP A 313 -17.69 18.71 -0.68
CA TRP A 313 -18.47 19.09 -1.84
C TRP A 313 -19.69 19.84 -1.37
N GLY A 314 -20.13 20.80 -2.17
CA GLY A 314 -21.26 21.65 -1.84
C GLY A 314 -22.66 21.04 -1.83
N TYR A 315 -22.87 19.92 -2.50
CA TYR A 315 -24.22 19.28 -2.50
C TYR A 315 -24.51 18.32 -1.36
N VAL A 316 -23.74 18.41 -0.29
CA VAL A 316 -23.76 17.39 0.79
C VAL A 316 -25.13 17.23 1.45
N GLU A 317 -25.83 18.35 1.63
CA GLU A 317 -27.11 18.31 2.30
C GLU A 317 -28.16 17.51 1.50
N GLU A 318 -27.90 17.28 0.23
CA GLU A 318 -28.83 16.51 -0.61
C GLU A 318 -28.49 15.04 -0.74
N THR A 319 -27.52 14.52 0.00
CA THR A 319 -27.04 13.13 -0.17
C THR A 319 -27.62 12.14 0.86
N ARG A 320 -27.38 10.87 0.58
CA ARG A 320 -27.79 9.80 1.45
C ARG A 320 -27.03 9.87 2.79
N ALA A 321 -25.72 10.16 2.77
CA ALA A 321 -24.94 10.32 4.01
C ALA A 321 -25.53 11.34 4.98
N TRP A 322 -25.83 12.54 4.49
CA TRP A 322 -26.44 13.58 5.32
C TRP A 322 -27.73 13.06 5.94
N ARG A 323 -28.55 12.44 5.09
CA ARG A 323 -29.87 11.95 5.54
C ARG A 323 -29.73 10.89 6.63
N LEU A 324 -28.73 10.01 6.50
CA LEU A 324 -28.44 9.01 7.53
C LEU A 324 -27.85 9.55 8.83
N LEU A 325 -27.13 10.67 8.80
CA LEU A 325 -26.43 11.13 10.01
C LEU A 325 -27.36 11.38 11.17
N PRO A 326 -27.04 10.84 12.36
CA PRO A 326 -27.80 11.21 13.56
C PRO A 326 -27.65 12.66 13.92
N ILE A 327 -26.57 13.31 13.53
CA ILE A 327 -26.42 14.74 13.78
C ILE A 327 -25.93 15.36 12.49
N LYS A 328 -26.68 16.38 12.03
CA LYS A 328 -26.50 16.95 10.71
C LYS A 328 -25.62 18.20 10.78
N VAL A 329 -24.33 17.96 10.92
CA VAL A 329 -23.33 19.00 11.01
C VAL A 329 -22.39 18.86 9.84
N LYS A 330 -22.08 20.01 9.23
CA LYS A 330 -21.17 20.08 8.11
C LYS A 330 -19.79 19.62 8.55
N PRO A 331 -19.05 18.95 7.66
CA PRO A 331 -17.71 18.49 8.07
C PRO A 331 -16.81 19.71 8.20
N SER A 332 -15.95 19.71 9.21
CA SER A 332 -15.03 20.85 9.42
C SER A 332 -13.64 20.59 8.83
N TYR A 333 -13.43 19.46 8.20
CA TYR A 333 -12.15 19.15 7.62
C TYR A 333 -12.44 18.19 6.49
N ASN A 334 -11.44 17.94 5.64
CA ASN A 334 -11.57 16.95 4.58
C ASN A 334 -11.49 15.48 5.10
N TRP A 335 -12.65 14.99 5.50
CA TRP A 335 -12.83 13.65 6.18
C TRP A 335 -12.85 12.47 5.22
N TYR A 336 -13.16 12.76 3.96
CA TYR A 336 -13.28 11.78 2.94
C TYR A 336 -11.97 11.60 2.16
N LYS A 337 -11.40 10.40 2.27
CA LYS A 337 -10.08 10.08 1.70
C LYS A 337 -10.17 8.72 1.07
N SER A 338 -9.33 8.42 0.06
CA SER A 338 -9.29 7.09 -0.55
C SER A 338 -7.89 6.61 -0.55
N TYR A 339 -7.74 5.28 -0.53
CA TYR A 339 -6.44 4.64 -0.73
C TYR A 339 -6.02 4.74 -2.19
N MET A 340 -4.75 4.97 -2.44
CA MET A 340 -4.20 4.77 -3.77
C MET A 340 -3.77 3.33 -4.01
N PHE A 341 -4.25 2.77 -5.11
CA PHE A 341 -3.90 1.47 -5.66
C PHE A 341 -3.13 1.73 -6.93
N ARG A 342 -2.01 1.01 -7.06
CA ARG A 342 -1.31 0.89 -8.31
C ARG A 342 -1.30 -0.61 -8.66
N ILE A 343 -1.53 -0.87 -9.96
CA ILE A 343 -1.46 -2.18 -10.54
C ILE A 343 -0.53 -2.15 -11.72
N GLN A 344 0.02 -3.31 -12.06
CA GLN A 344 0.89 -3.46 -13.23
C GLN A 344 0.47 -4.72 -14.02
N THR A 345 0.56 -4.66 -15.34
CA THR A 345 0.19 -5.74 -16.18
C THR A 345 1.36 -6.67 -16.36
N LEU A 346 1.04 -7.92 -16.58
CA LEU A 346 1.99 -9.01 -16.77
C LEU A 346 1.55 -9.83 -17.95
N GLU A 347 2.37 -10.84 -18.32
CA GLU A 347 1.97 -11.85 -19.31
C GLU A 347 0.60 -12.37 -18.90
N GLY A 348 -0.31 -12.39 -19.84
CA GLY A 348 -1.67 -12.93 -19.62
C GLY A 348 -2.68 -11.97 -19.01
N SER A 349 -2.31 -10.73 -18.71
CA SER A 349 -3.29 -9.82 -18.09
C SER A 349 -4.36 -9.47 -19.13
N LYS A 350 -5.59 -9.25 -18.70
CA LYS A 350 -6.65 -8.87 -19.61
C LYS A 350 -7.53 -7.82 -18.99
N GLY A 351 -8.16 -7.03 -19.83
CA GLY A 351 -9.06 -5.98 -19.33
C GLY A 351 -10.52 -6.33 -19.44
N PHE A 352 -11.37 -5.33 -19.47
CA PHE A 352 -12.79 -5.55 -19.49
C PHE A 352 -13.37 -5.19 -20.85
N GLU A 353 -14.31 -6.05 -21.28
CA GLU A 353 -15.11 -5.89 -22.50
C GLU A 353 -16.61 -6.23 -22.25
N ASP A 364 -23.51 3.73 -7.25
CA ASP A 364 -24.43 3.45 -6.15
C ASP A 364 -24.66 1.99 -5.69
N ASP A 365 -24.53 1.75 -4.38
CA ASP A 365 -24.84 0.42 -3.77
C ASP A 365 -25.05 0.52 -2.23
N GLU A 366 -25.27 -0.62 -1.54
CA GLU A 366 -25.60 -0.62 -0.07
C GLU A 366 -24.67 0.20 0.83
N GLU A 367 -23.37 0.15 0.54
CA GLU A 367 -22.34 0.79 1.39
C GLU A 367 -22.00 2.22 0.99
N SER A 368 -22.44 2.66 -0.20
CA SER A 368 -22.23 4.03 -0.69
C SER A 368 -23.27 4.96 -0.08
N SER A 369 -22.92 6.24 0.03
CA SER A 369 -23.86 7.21 0.59
C SER A 369 -23.59 8.65 0.17
N THR A 370 -22.41 8.98 -0.34
CA THR A 370 -22.20 10.35 -0.90
C THR A 370 -23.05 10.61 -2.21
N THR A 371 -23.74 9.58 -2.71
CA THR A 371 -24.94 9.69 -3.57
C THR A 371 -24.60 10.11 -4.99
N SER B 19 13.71 -3.90 -31.74
CA SER B 19 14.88 -3.80 -32.68
C SER B 19 16.14 -3.80 -31.79
N HIS B 20 16.61 -2.63 -31.36
CA HIS B 20 17.53 -2.51 -30.23
C HIS B 20 17.05 -3.37 -29.05
N MET B 21 15.78 -3.14 -28.72
CA MET B 21 15.12 -3.69 -27.55
C MET B 21 14.97 -5.18 -27.70
N ARG B 22 14.52 -5.65 -28.86
CA ARG B 22 14.44 -7.11 -29.10
C ARG B 22 15.74 -7.84 -28.85
N GLU B 23 16.82 -7.32 -29.43
CA GLU B 23 18.14 -7.93 -29.29
C GLU B 23 18.48 -8.11 -27.80
N ILE B 24 18.27 -7.05 -27.03
CA ILE B 24 18.51 -7.12 -25.61
C ILE B 24 17.66 -8.20 -24.94
N ILE B 25 16.39 -8.18 -25.21
CA ILE B 25 15.50 -9.05 -24.51
C ILE B 25 15.86 -10.53 -24.73
N GLU B 26 16.35 -10.89 -25.91
CA GLU B 26 16.63 -12.31 -26.19
C GLU B 26 17.91 -12.75 -25.57
N ARG B 27 18.85 -11.80 -25.43
CA ARG B 27 20.08 -12.08 -24.72
C ARG B 27 19.78 -12.27 -23.23
N VAL B 28 18.83 -11.51 -22.71
CA VAL B 28 18.49 -11.65 -21.28
C VAL B 28 17.85 -13.00 -21.03
N LYS B 29 16.92 -13.37 -21.89
CA LYS B 29 16.30 -14.70 -21.85
C LYS B 29 17.31 -15.87 -21.87
N GLU B 30 18.46 -15.72 -22.52
CA GLU B 30 19.49 -16.75 -22.44
C GLU B 30 20.23 -16.82 -21.10
N LYS B 31 19.99 -15.89 -20.19
CA LYS B 31 20.75 -15.85 -18.95
C LYS B 31 19.96 -16.18 -17.68
N THR B 32 18.64 -16.33 -17.81
CA THR B 32 17.73 -16.44 -16.67
C THR B 32 16.40 -17.03 -17.19
N THR B 33 15.66 -17.81 -16.41
CA THR B 33 14.25 -18.07 -16.76
C THR B 33 13.25 -17.18 -15.98
N ILE B 34 13.74 -16.22 -15.21
CA ILE B 34 12.86 -15.17 -14.65
C ILE B 34 12.17 -14.44 -15.81
N PRO B 35 10.85 -14.29 -15.77
CA PRO B 35 10.19 -13.49 -16.84
C PRO B 35 10.84 -12.10 -17.14
N VAL B 36 10.99 -11.76 -18.43
CA VAL B 36 11.68 -10.57 -18.85
C VAL B 36 10.72 -9.83 -19.76
N TYR B 37 10.49 -8.56 -19.50
CA TYR B 37 9.61 -7.72 -20.29
C TYR B 37 10.44 -6.53 -20.77
N GLU B 38 9.95 -5.86 -21.80
CA GLU B 38 10.49 -4.57 -22.18
C GLU B 38 10.60 -3.62 -20.96
N ARG B 39 9.55 -3.63 -20.11
CA ARG B 39 9.56 -2.87 -18.88
C ARG B 39 10.73 -3.20 -17.91
N THR B 40 11.10 -4.46 -17.82
CA THR B 40 12.27 -4.89 -17.07
C THR B 40 13.49 -4.11 -17.53
N ILE B 41 13.71 -4.12 -18.84
CA ILE B 41 14.88 -3.52 -19.42
C ILE B 41 14.78 -2.03 -19.12
N GLU B 42 13.60 -1.46 -19.31
CA GLU B 42 13.42 -0.04 -19.12
C GLU B 42 13.64 0.38 -17.66
N ASN B 43 13.11 -0.38 -16.71
CA ASN B 43 13.35 -0.08 -15.29
C ASN B 43 14.87 -0.10 -14.96
N VAL B 44 15.58 -1.05 -15.55
CA VAL B 44 17.04 -1.14 -15.32
C VAL B 44 17.74 0.08 -15.93
N LEU B 45 17.37 0.44 -17.18
CA LEU B 45 18.03 1.54 -17.85
C LEU B 45 17.74 2.85 -17.14
N SER B 46 16.49 3.04 -16.67
CA SER B 46 16.14 4.23 -15.92
C SER B 46 16.97 4.30 -14.63
N ALA B 47 17.17 3.16 -14.00
CA ALA B 47 17.96 3.08 -12.76
C ALA B 47 19.43 3.42 -13.01
N ILE B 48 19.95 2.88 -14.10
CA ILE B 48 21.35 3.14 -14.44
C ILE B 48 21.61 4.62 -14.70
N GLN B 49 20.68 5.31 -15.34
CA GLN B 49 20.82 6.77 -15.51
C GLN B 49 20.90 7.56 -14.22
N ALA B 50 20.28 7.09 -13.14
CA ALA B 50 20.29 7.78 -11.87
C ALA B 50 21.45 7.37 -10.95
N SER B 51 22.01 6.17 -11.14
CA SER B 51 23.14 5.71 -10.35
C SER B 51 23.94 4.64 -11.03
N GLY B 52 25.25 4.65 -10.78
CA GLY B 52 26.17 3.65 -11.28
C GLY B 52 26.42 2.53 -10.33
N ASP B 53 25.90 2.67 -9.10
CA ASP B 53 26.15 1.67 -8.10
C ASP B 53 25.21 0.49 -8.32
N VAL B 54 25.76 -0.70 -8.48
CA VAL B 54 24.96 -1.87 -8.75
C VAL B 54 23.84 -2.10 -7.69
N TRP B 55 24.14 -1.85 -6.42
CA TRP B 55 23.15 -2.07 -5.33
C TRP B 55 21.96 -1.13 -5.49
N ARG B 56 22.25 0.14 -5.75
CA ARG B 56 21.23 1.13 -5.92
C ARG B 56 20.50 0.94 -7.25
N ILE B 57 21.15 0.32 -8.24
CA ILE B 57 20.47 -0.02 -9.48
C ILE B 57 19.38 -1.08 -9.15
N VAL B 58 19.74 -2.09 -8.37
CA VAL B 58 18.78 -3.13 -8.03
C VAL B 58 17.64 -2.45 -7.26
N ASP B 59 18.00 -1.64 -6.24
CA ASP B 59 17.08 -0.83 -5.46
C ASP B 59 16.08 -0.01 -6.32
N LEU B 60 16.60 0.85 -7.18
CA LEU B 60 15.76 1.72 -7.95
C LEU B 60 14.98 1.05 -9.07
N SER B 61 15.52 0.00 -9.69
CA SER B 61 14.77 -0.67 -10.77
C SER B 61 13.56 -1.44 -10.24
N GLU B 62 13.57 -1.80 -8.94
CA GLU B 62 12.57 -2.65 -8.35
C GLU B 62 12.42 -3.96 -9.11
N GLU B 63 13.56 -4.48 -9.61
CA GLU B 63 13.57 -5.80 -10.21
C GLU B 63 14.48 -6.71 -9.39
N PRO B 64 14.27 -8.01 -9.45
CA PRO B 64 14.99 -8.92 -8.59
C PRO B 64 16.47 -8.98 -9.00
N LEU B 65 17.34 -9.08 -7.99
CA LEU B 65 18.79 -8.99 -8.20
C LEU B 65 19.24 -9.86 -9.35
N PRO B 66 18.82 -11.13 -9.39
CA PRO B 66 19.40 -11.93 -10.50
C PRO B 66 18.92 -11.52 -11.89
N LEU B 67 17.73 -10.94 -11.97
CA LEU B 67 17.25 -10.39 -13.21
C LEU B 67 18.01 -9.16 -13.62
N VAL B 68 18.24 -8.27 -12.64
CA VAL B 68 18.99 -7.06 -12.91
C VAL B 68 20.38 -7.41 -13.48
N VAL B 69 21.03 -8.37 -12.85
CA VAL B 69 22.38 -8.81 -13.29
C VAL B 69 22.34 -9.30 -14.76
N ALA B 70 21.34 -10.09 -15.08
CA ALA B 70 21.23 -10.66 -16.40
C ALA B 70 20.95 -9.57 -17.44
N VAL B 71 20.14 -8.55 -17.08
CA VAL B 71 19.95 -7.35 -17.92
C VAL B 71 21.21 -6.51 -18.04
N VAL B 72 21.85 -6.16 -16.94
CA VAL B 72 23.06 -5.35 -17.03
C VAL B 72 24.15 -6.08 -17.85
N THR B 73 24.27 -7.38 -17.60
CA THR B 73 25.21 -8.23 -18.34
C THR B 73 24.93 -8.26 -19.84
N ALA B 74 23.64 -8.36 -20.19
CA ALA B 74 23.25 -8.44 -21.61
C ALA B 74 23.55 -7.13 -22.27
N LEU B 75 23.20 -6.07 -21.57
CA LEU B 75 23.54 -4.74 -22.06
C LEU B 75 25.05 -4.63 -22.34
N TYR B 76 25.87 -5.09 -21.42
CA TYR B 76 27.35 -4.94 -21.53
C TYR B 76 27.86 -5.79 -22.69
N GLU B 77 27.33 -6.98 -22.83
CA GLU B 77 27.67 -7.83 -24.00
C GLU B 77 27.26 -7.25 -25.38
N LEU B 78 26.15 -6.51 -25.41
CA LEU B 78 25.65 -5.99 -26.64
C LEU B 78 26.00 -4.50 -26.78
N GLY B 79 26.89 -3.99 -25.95
CA GLY B 79 27.54 -2.70 -26.19
C GLY B 79 26.83 -1.44 -25.77
N TYR B 80 25.77 -1.59 -25.00
CA TYR B 80 25.03 -0.43 -24.44
C TYR B 80 25.52 -0.02 -23.04
N VAL B 81 26.11 -0.96 -22.26
CA VAL B 81 26.73 -0.54 -20.97
C VAL B 81 28.21 -0.89 -20.81
N ALA B 82 28.91 -0.07 -20.04
CA ALA B 82 30.28 -0.30 -19.70
C ALA B 82 30.40 -0.42 -18.18
N PHE B 83 31.38 -1.21 -17.75
CA PHE B 83 31.76 -1.25 -16.34
C PHE B 83 33.05 -0.54 -16.29
N GLU B 84 33.10 0.46 -15.47
CA GLU B 84 34.20 1.36 -15.54
C GLU B 84 34.19 2.03 -14.23
N ASN B 85 35.31 1.99 -13.50
CA ASN B 85 35.41 2.61 -12.17
C ASN B 85 34.51 1.92 -11.13
N ASN B 86 34.31 0.61 -11.31
CA ASN B 86 33.40 -0.16 -10.47
C ASN B 86 31.99 0.41 -10.57
N GLN B 87 31.65 1.08 -11.69
CA GLN B 87 30.31 1.65 -11.91
C GLN B 87 29.73 1.06 -13.18
N VAL B 88 28.42 0.91 -13.17
CA VAL B 88 27.68 0.55 -14.38
C VAL B 88 27.27 1.85 -15.05
N ILE B 89 27.74 2.06 -16.29
CA ILE B 89 27.41 3.27 -17.02
C ILE B 89 26.97 2.96 -18.45
N LEU B 90 26.23 3.93 -19.03
CA LEU B 90 25.77 3.74 -20.41
C LEU B 90 26.95 4.02 -21.37
N THR B 91 27.22 3.15 -22.32
CA THR B 91 27.99 3.58 -23.53
C THR B 91 27.18 4.60 -24.34
N ARG B 92 27.85 5.20 -25.33
CA ARG B 92 27.19 6.15 -26.23
C ARG B 92 25.98 5.48 -26.94
N LYS B 93 26.17 4.21 -27.24
CA LYS B 93 25.14 3.38 -27.82
C LYS B 93 23.92 3.22 -26.85
N GLY B 94 24.21 3.03 -25.55
CA GLY B 94 23.15 3.03 -24.53
C GLY B 94 22.43 4.36 -24.37
N LYS B 95 23.16 5.46 -24.50
CA LYS B 95 22.50 6.77 -24.49
C LYS B 95 21.59 7.01 -25.70
N GLU B 96 21.98 6.48 -26.86
CA GLU B 96 21.09 6.54 -28.02
C GLU B 96 19.86 5.68 -27.73
N LEU B 97 20.06 4.53 -27.11
CA LEU B 97 18.93 3.69 -26.76
C LEU B 97 17.92 4.42 -25.87
N VAL B 98 18.39 5.05 -24.78
CA VAL B 98 17.39 5.64 -23.83
C VAL B 98 16.75 6.88 -24.41
N GLU B 99 17.52 7.63 -25.18
CA GLU B 99 16.94 8.81 -25.81
C GLU B 99 15.91 8.40 -26.89
N LYS B 100 16.22 7.37 -27.65
CA LYS B 100 15.33 6.85 -28.64
C LYS B 100 14.02 6.34 -28.03
N TYR B 101 14.08 5.68 -26.87
CA TYR B 101 12.89 5.15 -26.23
C TYR B 101 12.30 6.08 -25.21
N GLY B 102 12.90 7.24 -24.98
CA GLY B 102 12.36 8.19 -24.03
C GLY B 102 12.43 7.71 -22.58
N ILE B 103 13.46 6.94 -22.24
CA ILE B 103 13.65 6.34 -20.91
C ILE B 103 14.49 7.29 -20.10
N GLY B 104 13.83 8.04 -19.23
CA GLY B 104 14.50 9.05 -18.39
C GLY B 104 15.11 8.42 -17.15
N PRO B 105 15.91 9.19 -16.40
CA PRO B 105 16.50 8.73 -15.18
C PRO B 105 15.44 8.58 -14.14
N ARG B 106 15.50 7.51 -13.36
CA ARG B 106 14.47 7.24 -12.38
C ARG B 106 14.53 8.25 -11.23
N ALA B 107 13.46 9.02 -11.06
CA ALA B 107 13.27 9.93 -9.91
C ALA B 107 12.76 9.20 -8.67
N ASP B 108 13.07 9.75 -7.51
CA ASP B 108 12.54 9.27 -6.29
C ASP B 108 12.17 10.40 -5.38
N TYR B 109 10.93 10.42 -4.94
CA TYR B 109 10.42 11.49 -4.11
C TYR B 109 9.99 10.95 -2.74
N THR B 110 10.57 9.85 -2.35
CA THR B 110 10.26 9.28 -1.07
C THR B 110 10.29 10.37 0.04
N CYS B 111 9.24 10.43 0.85
CA CYS B 111 9.14 11.40 1.91
C CYS B 111 10.37 11.29 2.80
N SER B 112 11.10 12.38 2.98
CA SER B 112 12.37 12.28 3.72
C SER B 112 12.18 12.24 5.27
N HIS B 113 10.99 12.58 5.77
CA HIS B 113 10.66 12.49 7.22
C HIS B 113 10.27 11.09 7.69
N CYS B 114 9.36 10.44 6.98
CA CYS B 114 8.92 9.09 7.35
C CYS B 114 9.68 8.01 6.65
N GLN B 115 10.54 8.36 5.69
CA GLN B 115 11.21 7.38 4.84
C GLN B 115 10.22 6.64 4.00
N GLY B 116 9.06 7.24 3.74
CA GLY B 116 8.02 6.53 2.98
C GLY B 116 7.25 5.46 3.75
N ARG B 117 7.42 5.43 5.06
CA ARG B 117 6.73 4.46 5.87
C ARG B 117 5.32 4.85 6.15
N THR B 118 4.96 6.11 5.91
CA THR B 118 3.63 6.72 6.18
C THR B 118 3.37 7.08 7.60
N VAL B 119 4.19 6.63 8.53
CA VAL B 119 4.00 6.98 9.95
C VAL B 119 5.25 7.59 10.51
N GLU B 120 5.08 8.52 11.43
CA GLU B 120 6.17 9.19 12.06
C GLU B 120 6.34 8.56 13.44
N ILE B 121 7.57 8.52 13.93
CA ILE B 121 7.88 7.84 15.19
C ILE B 121 8.32 8.82 16.30
N ASP B 122 8.02 10.11 16.12
CA ASP B 122 8.29 11.16 17.12
C ASP B 122 7.77 10.76 18.50
N ALA B 123 6.55 10.25 18.52
CA ALA B 123 5.93 9.83 19.74
C ALA B 123 6.53 8.59 20.42
N PHE B 124 7.38 7.83 19.72
CA PHE B 124 8.07 6.65 20.23
C PHE B 124 9.57 6.85 20.43
N SER B 125 9.98 8.08 20.65
CA SER B 125 11.40 8.39 20.72
C SER B 125 12.15 7.69 21.85
N GLU B 126 11.57 7.61 23.04
CA GLU B 126 12.26 6.91 24.14
C GLU B 126 12.24 5.39 23.94
N LEU B 127 11.16 4.84 23.37
CA LEU B 127 11.15 3.42 22.97
C LEU B 127 12.31 3.08 22.03
N LEU B 128 12.50 3.93 21.01
CA LEU B 128 13.61 3.81 20.02
C LEU B 128 14.98 3.72 20.69
N GLU B 129 15.23 4.70 21.53
CA GLU B 129 16.47 4.80 22.31
C GLU B 129 16.69 3.52 23.10
N GLN B 130 15.66 3.07 23.80
CA GLN B 130 15.75 1.85 24.62
C GLN B 130 15.99 0.60 23.82
N PHE B 131 15.33 0.52 22.66
CA PHE B 131 15.41 -0.63 21.80
C PHE B 131 16.80 -0.70 21.22
N LYS B 132 17.28 0.45 20.74
CA LYS B 132 18.67 0.58 20.30
C LYS B 132 19.65 0.05 21.34
N GLU B 133 19.46 0.46 22.59
CA GLU B 133 20.40 0.13 23.68
C GLU B 133 20.34 -1.34 23.98
N ILE B 134 19.13 -1.85 24.17
CA ILE B 134 18.96 -3.26 24.50
C ILE B 134 19.40 -4.22 23.39
N THR B 135 19.34 -3.78 22.12
CA THR B 135 19.75 -4.62 20.98
C THR B 135 21.21 -4.47 20.53
N ARG B 136 21.99 -3.62 21.20
CA ARG B 136 23.48 -3.53 20.95
C ARG B 136 24.22 -4.88 20.89
N ASP B 137 23.92 -5.78 21.82
CA ASP B 137 24.53 -7.13 21.83
C ASP B 137 23.63 -8.21 21.19
N ARG B 138 22.69 -7.81 20.36
CA ARG B 138 21.85 -8.80 19.69
C ARG B 138 22.67 -9.88 18.92
N PRO B 139 22.11 -11.08 18.75
CA PRO B 139 22.83 -12.11 17.97
C PRO B 139 23.06 -11.70 16.54
N GLU B 140 24.30 -11.81 16.10
CA GLU B 140 24.69 -11.48 14.72
C GLU B 140 23.99 -12.36 13.68
N PRO B 141 23.47 -11.76 12.59
CA PRO B 141 22.77 -12.56 11.57
C PRO B 141 23.55 -13.79 11.07
N ALA B 142 22.94 -14.96 11.14
CA ALA B 142 23.55 -16.21 10.72
C ALA B 142 23.21 -16.54 9.26
N HIS B 143 24.26 -16.71 8.47
CA HIS B 143 24.11 -17.10 7.07
C HIS B 143 23.15 -18.27 6.90
N GLN B 144 23.28 -19.32 7.72
CA GLN B 144 22.42 -20.50 7.47
C GLN B 144 20.94 -20.39 7.92
N PHE B 145 20.55 -19.29 8.57
CA PHE B 145 19.12 -19.00 8.77
C PHE B 145 18.64 -17.84 7.88
N ASP B 146 19.30 -17.59 6.75
CA ASP B 146 18.89 -16.51 5.84
C ASP B 146 18.57 -15.19 6.59
N GLN B 147 19.37 -14.88 7.59
CA GLN B 147 19.02 -13.83 8.55
C GLN B 147 19.47 -12.42 8.17
N ALA B 148 18.65 -11.43 8.54
CA ALA B 148 19.05 -10.03 8.55
C ALA B 148 18.01 -9.25 9.30
N TYR B 149 18.41 -8.18 9.95
CA TYR B 149 17.45 -7.53 10.80
C TYR B 149 17.20 -6.15 10.28
N VAL B 150 16.03 -5.62 10.56
CA VAL B 150 15.69 -4.31 10.10
C VAL B 150 16.27 -3.30 11.02
N THR B 151 16.32 -2.06 10.59
CA THR B 151 16.84 -1.03 11.44
C THR B 151 15.91 -0.77 12.62
N PRO B 152 16.47 -0.32 13.76
CA PRO B 152 15.61 -0.06 14.92
C PRO B 152 14.47 0.89 14.59
N GLU B 153 14.75 1.85 13.71
CA GLU B 153 13.74 2.74 13.17
C GLU B 153 12.57 2.01 12.46
N THR B 154 12.90 1.03 11.65
CA THR B 154 11.91 0.21 11.04
C THR B 154 11.08 -0.48 12.13
N THR B 155 11.75 -1.17 13.03
CA THR B 155 11.07 -1.86 14.15
C THR B 155 10.05 -0.98 14.90
N VAL B 156 10.47 0.23 15.21
CA VAL B 156 9.58 1.16 15.92
C VAL B 156 8.47 1.66 15.02
N ALA B 157 8.80 1.97 13.78
CA ALA B 157 7.76 2.26 12.77
C ALA B 157 6.73 1.14 12.64
N ARG B 158 7.17 -0.12 12.75
CA ARG B 158 6.27 -1.27 12.77
C ARG B 158 5.28 -1.21 13.94
N VAL B 159 5.78 -0.92 15.14
CA VAL B 159 4.94 -0.76 16.30
C VAL B 159 3.96 0.38 16.10
N ALA B 160 4.44 1.53 15.60
CA ALA B 160 3.53 2.67 15.36
C ALA B 160 2.47 2.35 14.31
N LEU B 161 2.87 1.61 13.27
CA LEU B 161 1.91 1.26 12.20
C LEU B 161 0.82 0.33 12.78
N MET B 162 1.20 -0.74 13.43
CA MET B 162 0.27 -1.75 13.96
C MET B 162 -0.73 -1.12 14.95
N HIS B 163 -0.23 -0.20 15.77
CA HIS B 163 -1.02 0.45 16.77
C HIS B 163 -1.98 1.43 16.17
N SER B 164 -1.56 2.09 15.11
CA SER B 164 -2.44 2.99 14.41
C SER B 164 -3.56 2.26 13.62
N ARG B 165 -3.37 0.98 13.26
CA ARG B 165 -4.47 0.20 12.73
C ARG B 165 -5.26 -0.53 13.81
N GLY B 166 -5.00 -0.32 15.11
CA GLY B 166 -5.81 -0.88 16.21
C GLY B 166 -5.44 -2.33 16.50
N ASP B 167 -4.20 -2.74 16.17
CA ASP B 167 -3.81 -4.17 16.16
C ASP B 167 -2.88 -4.55 17.31
N LEU B 168 -2.61 -3.61 18.26
CA LEU B 168 -1.69 -3.90 19.38
C LEU B 168 -2.25 -3.79 20.81
N GLU B 169 -2.99 -2.75 21.10
CA GLU B 169 -3.29 -2.43 22.47
C GLU B 169 -4.27 -3.43 23.06
N ASN B 170 -3.83 -4.16 24.09
CA ASN B 170 -4.57 -5.25 24.69
C ASN B 170 -4.88 -6.38 23.71
N LYS B 171 -4.06 -6.57 22.68
CA LYS B 171 -4.22 -7.65 21.77
C LYS B 171 -3.18 -8.68 22.10
N GLU B 172 -3.46 -9.90 21.61
CA GLU B 172 -2.58 -11.06 21.71
C GLU B 172 -1.86 -11.18 20.37
N VAL B 173 -0.53 -11.08 20.40
CA VAL B 173 0.25 -10.88 19.20
C VAL B 173 1.24 -12.07 19.06
N PHE B 174 1.30 -12.61 17.85
CA PHE B 174 2.12 -13.78 17.53
C PHE B 174 3.20 -13.35 16.59
N VAL B 175 4.45 -13.63 16.91
CA VAL B 175 5.56 -13.16 16.12
C VAL B 175 6.20 -14.42 15.58
N LEU B 176 6.09 -14.63 14.29
CA LEU B 176 6.51 -15.86 13.66
C LEU B 176 7.82 -15.59 13.04
N GLY B 177 8.89 -16.00 13.70
CA GLY B 177 10.26 -15.65 13.30
C GLY B 177 10.61 -14.29 13.86
N ASP B 178 11.77 -14.13 14.49
CA ASP B 178 12.07 -12.80 15.08
C ASP B 178 13.51 -12.35 15.07
N ASP B 179 14.14 -12.52 13.90
CA ASP B 179 15.36 -11.83 13.48
C ASP B 179 15.42 -10.40 14.00
N ASP B 180 14.31 -9.70 13.80
CA ASP B 180 14.22 -8.28 13.97
C ASP B 180 14.06 -7.91 15.41
N LEU B 181 13.76 -8.89 16.25
CA LEU B 181 13.44 -8.62 17.65
C LEU B 181 12.27 -7.67 17.82
N THR B 182 11.28 -7.80 16.95
CA THR B 182 9.99 -7.11 17.14
C THR B 182 9.35 -7.37 18.50
N SER B 183 9.43 -8.60 18.98
CA SER B 183 8.87 -8.93 20.28
C SER B 183 9.50 -8.12 21.43
N VAL B 184 10.78 -7.78 21.34
CA VAL B 184 11.43 -6.96 22.36
C VAL B 184 10.85 -5.53 22.31
N ALA B 185 10.71 -4.99 21.11
CA ALA B 185 9.98 -3.71 20.93
C ALA B 185 8.53 -3.73 21.45
N LEU B 186 7.82 -4.83 21.21
CA LEU B 186 6.49 -4.96 21.71
C LEU B 186 6.44 -4.97 23.24
N MET B 187 7.31 -5.73 23.88
CA MET B 187 7.45 -5.66 25.35
C MET B 187 7.70 -4.24 25.86
N LEU B 188 8.70 -3.54 25.30
CA LEU B 188 8.99 -2.19 25.72
C LEU B 188 7.83 -1.19 25.49
N SER B 189 7.00 -1.40 24.47
CA SER B 189 5.81 -0.54 24.25
C SER B 189 4.78 -0.67 25.32
N GLY B 190 4.72 -1.85 25.91
CA GLY B 190 3.73 -2.14 26.91
C GLY B 190 2.32 -2.31 26.34
N LEU B 191 2.18 -2.37 25.01
CA LEU B 191 0.82 -2.37 24.43
C LEU B 191 0.06 -3.71 24.45
N PRO B 192 0.70 -4.85 24.09
CA PRO B 192 -0.06 -6.07 24.01
C PRO B 192 -0.56 -6.57 25.37
N LYS B 193 -1.69 -7.26 25.35
CA LYS B 193 -2.08 -8.16 26.44
C LYS B 193 -1.04 -9.29 26.58
N ARG B 194 -0.59 -9.85 25.48
CA ARG B 194 0.44 -10.89 25.56
C ARG B 194 1.03 -11.14 24.21
N ILE B 195 2.18 -11.82 24.22
CA ILE B 195 3.01 -11.98 23.03
C ILE B 195 3.43 -13.44 23.01
N ALA B 196 3.50 -14.02 21.82
CA ALA B 196 4.10 -15.32 21.62
C ALA B 196 5.06 -15.17 20.50
N VAL B 197 6.24 -15.80 20.64
CA VAL B 197 7.31 -15.63 19.69
C VAL B 197 7.90 -16.97 19.40
N LEU B 198 8.28 -17.14 18.16
CA LEU B 198 8.83 -18.40 17.73
C LEU B 198 9.95 -18.13 16.81
N ASP B 199 11.08 -18.81 17.00
CA ASP B 199 12.14 -18.82 16.02
C ASP B 199 12.88 -20.13 16.09
N ILE B 200 13.45 -20.50 14.95
CA ILE B 200 14.39 -21.63 14.92
C ILE B 200 15.69 -21.36 15.62
N ASP B 201 16.17 -20.13 15.55
CA ASP B 201 17.50 -19.83 16.09
C ASP B 201 17.49 -19.66 17.61
N GLU B 202 18.16 -20.54 18.32
CA GLU B 202 18.09 -20.52 19.78
C GLU B 202 18.81 -19.30 20.36
N ARG B 203 19.73 -18.75 19.61
CA ARG B 203 20.35 -17.52 20.00
C ARG B 203 19.30 -16.40 20.21
N LEU B 204 18.34 -16.29 19.29
CA LEU B 204 17.27 -15.29 19.41
C LEU B 204 16.32 -15.55 20.56
N THR B 205 15.84 -16.78 20.67
CA THR B 205 14.85 -17.10 21.68
C THR B 205 15.45 -16.96 23.07
N LYS B 206 16.71 -17.36 23.24
CA LYS B 206 17.41 -17.09 24.52
C LYS B 206 17.54 -15.61 24.79
N PHE B 207 17.94 -14.85 23.78
CA PHE B 207 18.08 -13.41 23.94
C PHE B 207 16.72 -12.78 24.34
N ILE B 208 15.64 -13.22 23.72
CA ILE B 208 14.30 -12.64 24.03
C ILE B 208 13.87 -12.96 25.48
N GLU B 209 14.08 -14.19 25.86
CA GLU B 209 13.70 -14.66 27.17
C GLU B 209 14.49 -13.94 28.27
N LYS B 210 15.79 -13.79 28.05
CA LYS B 210 16.64 -13.00 28.96
C LYS B 210 16.08 -11.60 29.08
N ALA B 211 15.72 -10.98 27.95
CA ALA B 211 15.15 -9.63 27.98
C ALA B 211 13.84 -9.56 28.76
N ALA B 212 12.93 -10.47 28.45
CA ALA B 212 11.61 -10.53 29.14
C ALA B 212 11.76 -10.70 30.65
N ASP B 213 12.67 -11.61 31.02
CA ASP B 213 12.88 -11.91 32.42
C ASP B 213 13.43 -10.70 33.14
N GLU B 214 14.40 -10.01 32.54
CA GLU B 214 14.96 -8.83 33.19
C GLU B 214 14.01 -7.64 33.17
N ILE B 215 13.37 -7.39 32.05
CA ILE B 215 12.30 -6.37 31.98
C ILE B 215 11.14 -6.66 32.94
N GLY B 216 10.97 -7.90 33.36
CA GLY B 216 9.75 -8.31 34.06
C GLY B 216 8.48 -8.34 33.21
N TYR B 217 8.58 -8.56 31.91
CA TYR B 217 7.38 -8.79 31.09
C TYR B 217 6.94 -10.25 31.33
N GLU B 218 5.82 -10.42 32.03
CA GLU B 218 5.27 -11.76 32.32
C GLU B 218 4.57 -12.53 31.17
N ASN B 219 3.80 -11.84 30.35
CA ASN B 219 2.88 -12.51 29.40
C ASN B 219 3.51 -12.70 28.01
N ILE B 220 4.58 -13.46 27.96
CA ILE B 220 5.28 -13.77 26.73
C ILE B 220 5.65 -15.24 26.82
N GLU B 221 5.39 -16.00 25.77
CA GLU B 221 5.78 -17.39 25.66
C GLU B 221 6.72 -17.44 24.51
N ILE B 222 7.81 -18.16 24.67
CA ILE B 222 8.78 -18.30 23.60
C ILE B 222 8.81 -19.76 23.21
N PHE B 223 9.12 -20.03 21.96
CA PHE B 223 9.10 -21.40 21.47
C PHE B 223 10.15 -21.57 20.43
N THR B 224 10.88 -22.70 20.46
CA THR B 224 11.89 -22.97 19.44
C THR B 224 11.42 -24.12 18.57
N ARG B 228 5.97 -24.44 11.37
CA ARG B 228 6.74 -25.31 10.54
C ARG B 228 5.98 -26.58 10.16
N LYS B 229 5.09 -27.07 11.03
CA LYS B 229 4.05 -28.04 10.65
C LYS B 229 2.82 -28.01 11.58
N PRO B 230 1.74 -28.75 11.25
CA PRO B 230 0.38 -28.71 11.82
C PRO B 230 0.34 -28.14 13.22
N LEU B 231 -0.06 -26.88 13.28
CA LEU B 231 -0.01 -26.03 14.47
C LEU B 231 -0.37 -26.67 15.80
N PRO B 232 0.37 -26.30 16.84
CA PRO B 232 0.05 -26.77 18.18
C PRO B 232 -1.17 -26.10 18.82
N ASP B 233 -1.69 -26.70 19.89
CA ASP B 233 -2.78 -26.10 20.68
C ASP B 233 -2.48 -24.64 21.03
N TYR B 234 -1.28 -24.33 21.51
CA TYR B 234 -1.08 -22.97 22.00
C TYR B 234 -1.21 -21.88 20.87
N ALA B 235 -1.11 -22.25 19.60
CA ALA B 235 -1.10 -21.28 18.51
C ALA B 235 -2.45 -21.16 17.79
N LEU B 236 -3.11 -22.30 17.57
CA LEU B 236 -4.21 -22.39 16.64
C LEU B 236 -5.38 -21.57 17.07
N HIS B 237 -5.80 -20.63 16.22
CA HIS B 237 -6.95 -19.72 16.51
C HIS B 237 -6.92 -18.99 17.87
N LYS B 238 -5.76 -18.52 18.32
CA LYS B 238 -5.64 -17.86 19.64
C LYS B 238 -5.26 -16.36 19.66
N PHE B 239 -4.89 -15.84 18.52
CA PHE B 239 -4.26 -14.51 18.44
C PHE B 239 -5.12 -13.53 17.70
N ASP B 240 -4.88 -12.27 18.01
CA ASP B 240 -5.55 -11.15 17.30
C ASP B 240 -4.75 -10.63 16.10
N THR B 241 -3.44 -10.85 16.10
CA THR B 241 -2.51 -10.18 15.17
C THR B 241 -1.30 -11.06 15.07
N PHE B 242 -0.79 -11.31 13.87
CA PHE B 242 0.53 -11.92 13.72
C PHE B 242 1.43 -11.03 12.90
N ILE B 243 2.72 -11.14 13.11
CA ILE B 243 3.73 -10.59 12.23
C ILE B 243 4.74 -11.64 11.87
N THR B 244 5.19 -11.64 10.61
CA THR B 244 6.19 -12.51 10.16
C THR B 244 6.96 -11.88 9.01
N ASP B 245 8.08 -12.44 8.65
CA ASP B 245 8.86 -11.89 7.53
C ASP B 245 9.44 -13.08 6.77
N PRO B 246 8.69 -13.65 5.84
CA PRO B 246 9.05 -14.97 5.35
C PRO B 246 10.18 -14.99 4.33
N PRO B 247 10.78 -16.17 4.17
CA PRO B 247 11.65 -16.32 3.04
C PRO B 247 10.89 -16.07 1.76
N GLU B 248 11.62 -15.69 0.74
CA GLU B 248 11.01 -15.13 -0.44
C GLU B 248 10.79 -16.21 -1.47
N THR B 249 9.90 -17.16 -1.18
CA THR B 249 9.42 -18.07 -2.19
C THR B 249 7.93 -18.17 -2.06
N VAL B 250 7.30 -18.62 -3.13
CA VAL B 250 5.85 -18.76 -3.09
C VAL B 250 5.47 -19.75 -1.98
N GLU B 251 6.17 -20.88 -1.96
CA GLU B 251 5.92 -21.93 -0.98
C GLU B 251 6.16 -21.47 0.45
N ALA B 252 7.23 -20.75 0.71
CA ALA B 252 7.52 -20.30 2.05
C ALA B 252 6.58 -19.16 2.47
N ILE B 253 6.17 -18.32 1.52
CA ILE B 253 5.30 -17.19 1.84
C ILE B 253 3.96 -17.80 2.24
N ARG B 254 3.56 -18.77 1.46
CA ARG B 254 2.34 -19.46 1.74
C ARG B 254 2.41 -20.21 3.06
N ALA B 255 3.50 -20.93 3.32
CA ALA B 255 3.59 -21.66 4.57
C ALA B 255 3.53 -20.72 5.76
N PHE B 256 4.34 -19.67 5.73
CA PHE B 256 4.53 -18.81 6.87
C PHE B 256 3.29 -17.93 7.07
N VAL B 257 2.84 -17.32 5.98
CA VAL B 257 1.72 -16.42 6.10
C VAL B 257 0.48 -17.26 6.41
N GLY B 258 0.36 -18.42 5.76
CA GLY B 258 -0.76 -19.38 6.01
C GLY B 258 -0.84 -19.83 7.46
N ARG B 259 0.32 -20.15 8.05
CA ARG B 259 0.39 -20.53 9.46
C ARG B 259 0.09 -19.32 10.32
N GLY B 260 0.62 -18.16 10.01
CA GLY B 260 0.15 -16.93 10.70
C GLY B 260 -1.36 -16.76 10.76
N ILE B 261 -1.99 -16.88 9.60
CA ILE B 261 -3.45 -16.74 9.50
C ILE B 261 -4.18 -17.78 10.38
N ALA B 262 -3.68 -19.03 10.41
CA ALA B 262 -4.28 -20.07 11.23
C ALA B 262 -4.11 -19.78 12.74
N THR B 263 -3.15 -18.94 13.14
CA THR B 263 -3.09 -18.48 14.55
C THR B 263 -4.22 -17.55 14.95
N LEU B 264 -4.85 -16.92 13.96
CA LEU B 264 -5.83 -15.85 14.20
C LEU B 264 -7.17 -16.38 14.68
N LYS B 265 -7.80 -15.64 15.61
CA LYS B 265 -9.04 -16.09 16.22
C LYS B 265 -10.17 -16.23 15.26
N GLY B 266 -10.20 -15.39 14.26
CA GLY B 266 -11.28 -15.48 13.28
C GLY B 266 -11.33 -14.18 12.51
N PRO B 267 -12.53 -13.79 12.01
CA PRO B 267 -12.66 -12.53 11.23
C PRO B 267 -12.28 -11.32 12.08
N GLY B 268 -11.77 -10.25 11.47
CA GLY B 268 -11.42 -9.06 12.19
C GLY B 268 -10.01 -9.01 12.73
N CYS B 269 -9.17 -9.98 12.39
CA CYS B 269 -7.81 -10.13 12.91
C CYS B 269 -6.82 -9.72 11.80
N ALA B 270 -5.59 -9.37 12.20
CA ALA B 270 -4.64 -8.71 11.30
C ALA B 270 -3.39 -9.50 11.15
N GLY B 271 -2.78 -9.47 9.97
CA GLY B 271 -1.45 -10.03 9.72
C GLY B 271 -0.52 -8.97 9.04
N TYR B 272 0.74 -8.97 9.42
CA TYR B 272 1.76 -8.11 8.86
C TYR B 272 2.93 -8.94 8.36
N PHE B 273 3.41 -8.67 7.13
CA PHE B 273 4.60 -9.33 6.66
C PHE B 273 5.26 -8.57 5.52
N GLY B 274 6.51 -8.87 5.29
CA GLY B 274 7.28 -8.11 4.33
C GLY B 274 7.47 -8.92 3.05
N ILE B 275 7.32 -8.27 1.91
CA ILE B 275 7.62 -8.92 0.65
C ILE B 275 8.54 -7.96 -0.14
N THR B 276 9.61 -8.47 -0.75
CA THR B 276 10.59 -7.63 -1.43
C THR B 276 10.32 -7.65 -2.93
N ARG B 277 10.78 -6.63 -3.60
CA ARG B 277 11.02 -6.68 -5.04
C ARG B 277 12.46 -7.15 -5.40
N ARG B 278 13.30 -7.31 -4.38
CA ARG B 278 14.74 -7.64 -4.50
C ARG B 278 14.92 -9.09 -4.80
N GLU B 279 14.01 -9.94 -4.32
CA GLU B 279 14.12 -11.37 -4.55
C GLU B 279 12.90 -11.96 -5.18
N SER B 280 11.84 -11.19 -5.32
CA SER B 280 10.63 -11.72 -5.95
C SER B 280 10.21 -10.79 -7.12
N SER B 281 9.96 -11.35 -8.28
CA SER B 281 9.48 -10.60 -9.42
C SER B 281 7.99 -10.31 -9.28
N LEU B 282 7.48 -9.36 -10.05
CA LEU B 282 6.07 -9.15 -10.06
C LEU B 282 5.27 -10.39 -10.53
N ASP B 283 5.82 -11.25 -11.39
CA ASP B 283 5.10 -12.47 -11.68
C ASP B 283 4.89 -13.33 -10.41
N LYS B 284 5.92 -13.39 -9.57
CA LYS B 284 5.82 -14.04 -8.27
C LYS B 284 4.76 -13.39 -7.36
N TRP B 285 4.81 -12.08 -7.28
CA TRP B 285 3.81 -11.33 -6.54
C TRP B 285 2.41 -11.68 -6.94
N ARG B 286 2.11 -11.75 -8.23
CA ARG B 286 0.80 -12.15 -8.66
C ARG B 286 0.41 -13.53 -8.09
N GLU B 287 1.32 -14.51 -8.11
CA GLU B 287 1.00 -15.85 -7.57
C GLU B 287 0.74 -15.76 -6.04
N ILE B 288 1.58 -14.99 -5.37
CA ILE B 288 1.42 -14.69 -3.90
C ILE B 288 0.08 -14.08 -3.61
N GLN B 289 -0.33 -13.12 -4.42
CA GLN B 289 -1.60 -12.42 -4.20
C GLN B 289 -2.85 -13.33 -4.45
N ARG B 290 -2.75 -14.21 -5.44
CA ARG B 290 -3.79 -15.27 -5.64
C ARG B 290 -3.80 -16.30 -4.49
N VAL B 291 -2.67 -16.63 -3.89
CA VAL B 291 -2.71 -17.44 -2.67
C VAL B 291 -3.52 -16.70 -1.55
N LEU B 292 -3.14 -15.46 -1.25
CA LEU B 292 -3.78 -14.69 -0.21
C LEU B 292 -5.26 -14.55 -0.41
N LEU B 293 -5.66 -14.26 -1.63
CA LEU B 293 -7.06 -13.97 -1.96
C LEU B 293 -7.94 -15.20 -2.21
N ASN B 294 -7.35 -16.23 -2.78
CA ASN B 294 -8.14 -17.40 -3.23
C ASN B 294 -7.93 -18.60 -2.35
N GLU B 295 -6.71 -18.87 -1.89
CA GLU B 295 -6.54 -19.98 -0.95
C GLU B 295 -6.87 -19.55 0.47
N PHE B 296 -6.39 -18.37 0.93
CA PHE B 296 -6.72 -17.92 2.31
C PHE B 296 -7.99 -17.07 2.46
N GLY B 297 -8.47 -16.48 1.37
CA GLY B 297 -9.57 -15.54 1.40
C GLY B 297 -9.39 -14.43 2.39
N VAL B 298 -8.19 -13.86 2.43
CA VAL B 298 -7.95 -12.67 3.23
C VAL B 298 -8.01 -11.48 2.26
N VAL B 299 -8.13 -10.30 2.84
CA VAL B 299 -8.09 -9.05 2.13
C VAL B 299 -6.74 -8.35 2.45
N ILE B 300 -6.16 -7.74 1.42
CA ILE B 300 -4.93 -6.92 1.56
C ILE B 300 -5.35 -5.45 1.81
N THR B 301 -5.04 -4.90 2.98
CA THR B 301 -5.45 -3.57 3.35
C THR B 301 -4.39 -2.52 3.14
N ASP B 302 -3.12 -2.90 3.02
CA ASP B 302 -2.00 -1.97 2.90
C ASP B 302 -0.87 -2.67 2.17
N ILE B 303 -0.21 -2.01 1.21
CA ILE B 303 1.02 -2.45 0.57
C ILE B 303 1.93 -1.20 0.46
N ILE B 304 2.96 -1.13 1.29
CA ILE B 304 3.74 0.10 1.48
C ILE B 304 5.18 -0.12 1.06
N ARG B 305 5.56 0.56 0.00
CA ARG B 305 6.89 0.42 -0.56
C ARG B 305 8.02 0.75 0.38
N ASN B 306 8.99 -0.16 0.43
CA ASN B 306 10.21 0.00 1.17
C ASN B 306 9.97 0.37 2.62
N PHE B 307 8.88 -0.10 3.22
CA PHE B 307 8.63 0.17 4.63
C PHE B 307 9.79 -0.35 5.54
N ASN B 308 10.27 -1.56 5.21
CA ASN B 308 11.28 -2.30 5.95
C ASN B 308 12.64 -2.06 5.32
N GLU B 309 13.53 -1.43 6.09
CA GLU B 309 14.98 -1.25 5.78
C GLU B 309 15.83 -2.27 6.53
N TYR B 310 16.52 -3.17 5.79
CA TYR B 310 17.38 -4.20 6.40
C TYR B 310 18.81 -3.69 6.55
N VAL B 311 19.38 -3.87 7.74
CA VAL B 311 20.77 -3.56 8.02
C VAL B 311 21.61 -4.53 7.22
N ASN B 312 22.65 -4.06 6.53
CA ASN B 312 23.53 -4.94 5.76
C ASN B 312 24.15 -6.03 6.60
N TRP B 313 24.10 -7.24 6.09
CA TRP B 313 24.48 -8.42 6.85
C TRP B 313 25.93 -8.80 6.55
N GLY B 314 26.56 -9.51 7.47
CA GLY B 314 28.00 -9.75 7.44
C GLY B 314 28.44 -10.92 6.59
N TYR B 315 27.56 -11.81 6.21
CA TYR B 315 27.97 -12.98 5.43
C TYR B 315 27.79 -12.81 3.90
N VAL B 316 27.77 -11.57 3.42
CA VAL B 316 27.39 -11.32 2.01
C VAL B 316 28.33 -11.94 1.01
N GLU B 317 29.63 -11.80 1.26
CA GLU B 317 30.64 -12.39 0.37
C GLU B 317 30.43 -13.87 0.18
N GLU B 318 29.65 -14.51 1.02
CA GLU B 318 29.40 -15.94 0.88
C GLU B 318 28.17 -16.27 0.05
N THR B 319 27.42 -15.26 -0.38
CA THR B 319 26.07 -15.46 -0.92
C THR B 319 26.09 -15.54 -2.45
N ARG B 320 25.11 -16.25 -2.98
CA ARG B 320 24.94 -16.26 -4.40
C ARG B 320 24.91 -14.87 -5.02
N ALA B 321 24.19 -13.92 -4.41
CA ALA B 321 24.20 -12.51 -4.91
C ALA B 321 25.62 -11.98 -5.17
N TRP B 322 26.53 -12.31 -4.27
CA TRP B 322 27.88 -11.79 -4.39
C TRP B 322 28.55 -12.41 -5.60
N ARG B 323 28.35 -13.72 -5.79
CA ARG B 323 28.97 -14.40 -6.92
C ARG B 323 28.35 -13.94 -8.23
N LEU B 324 27.06 -13.59 -8.21
CA LEU B 324 26.41 -13.06 -9.41
C LEU B 324 26.91 -11.67 -9.86
N LEU B 325 27.28 -10.81 -8.92
CA LEU B 325 27.64 -9.44 -9.24
C LEU B 325 28.83 -9.33 -10.23
N PRO B 326 28.68 -8.55 -11.32
CA PRO B 326 29.79 -8.35 -12.22
C PRO B 326 30.77 -7.30 -11.67
N ILE B 327 30.44 -6.65 -10.55
CA ILE B 327 31.33 -5.70 -9.87
C ILE B 327 31.28 -6.05 -8.37
N LYS B 328 32.37 -6.61 -7.81
CA LYS B 328 32.36 -7.02 -6.41
C LYS B 328 32.71 -5.79 -5.55
N VAL B 329 31.67 -5.11 -5.05
CA VAL B 329 31.83 -3.95 -4.16
C VAL B 329 30.79 -4.09 -3.08
N LYS B 330 31.16 -3.94 -1.82
CA LYS B 330 30.19 -4.06 -0.72
C LYS B 330 29.19 -2.89 -0.71
N PRO B 331 27.95 -3.15 -0.25
CA PRO B 331 26.98 -2.03 -0.32
C PRO B 331 27.37 -0.91 0.62
N SER B 332 27.12 0.34 0.28
CA SER B 332 27.52 1.48 1.14
C SER B 332 26.33 2.15 1.86
N TYR B 333 25.15 1.56 1.70
CA TYR B 333 23.95 2.00 2.36
C TYR B 333 23.03 0.74 2.43
N ASN B 334 21.90 0.87 3.10
CA ASN B 334 20.98 -0.27 3.25
C ASN B 334 20.07 -0.43 2.01
N TRP B 335 20.62 -1.03 0.97
CA TRP B 335 19.98 -1.20 -0.34
C TRP B 335 18.78 -2.16 -0.31
N TYR B 336 18.77 -3.08 0.65
CA TYR B 336 17.79 -4.15 0.71
C TYR B 336 16.60 -3.71 1.59
N LYS B 337 15.47 -3.54 0.92
CA LYS B 337 14.19 -3.12 1.59
C LYS B 337 13.05 -4.02 1.14
N SER B 338 11.96 -4.07 1.97
CA SER B 338 10.79 -4.86 1.64
C SER B 338 9.58 -3.95 1.81
N TYR B 339 8.55 -4.28 1.05
CA TYR B 339 7.26 -3.63 1.23
C TYR B 339 6.57 -4.21 2.45
N MET B 340 5.81 -3.39 3.18
CA MET B 340 4.99 -3.91 4.27
C MET B 340 3.61 -4.29 3.69
N PHE B 341 3.18 -5.53 3.88
CA PHE B 341 1.80 -5.94 3.61
C PHE B 341 1.05 -6.03 4.92
N ARG B 342 -0.19 -5.53 4.94
CA ARG B 342 -1.16 -5.85 5.97
C ARG B 342 -2.32 -6.61 5.34
N ILE B 343 -2.76 -7.64 6.01
CA ILE B 343 -3.94 -8.35 5.70
C ILE B 343 -4.88 -8.38 6.86
N GLN B 344 -6.15 -8.51 6.54
CA GLN B 344 -7.20 -8.67 7.51
C GLN B 344 -8.05 -9.89 7.21
N THR B 345 -8.46 -10.58 8.24
CA THR B 345 -9.39 -11.73 8.03
C THR B 345 -10.87 -11.26 7.97
N LEU B 346 -11.65 -12.04 7.24
CA LEU B 346 -13.07 -11.81 7.01
C LEU B 346 -13.82 -13.17 7.17
N GLU B 347 -15.14 -13.13 7.03
CA GLU B 347 -15.95 -14.37 6.96
C GLU B 347 -15.41 -15.28 5.88
N GLY B 348 -15.22 -16.53 6.20
CA GLY B 348 -14.54 -17.45 5.29
C GLY B 348 -13.04 -17.48 5.18
N SER B 349 -12.29 -16.58 5.82
CA SER B 349 -10.84 -16.60 5.68
C SER B 349 -10.31 -17.86 6.32
N LYS B 350 -9.24 -18.39 5.80
CA LYS B 350 -8.63 -19.53 6.45
C LYS B 350 -7.16 -19.62 6.18
N GLY B 351 -6.44 -20.19 7.12
CA GLY B 351 -5.07 -20.36 7.05
C GLY B 351 -4.67 -21.73 6.52
N PHE B 352 -3.42 -22.08 6.74
CA PHE B 352 -2.82 -23.28 6.20
C PHE B 352 -2.69 -24.31 7.29
N ASP B 365 14.34 -20.52 -4.89
CA ASP B 365 13.87 -20.38 -6.29
C ASP B 365 14.81 -19.49 -7.13
N GLU B 366 14.58 -19.39 -8.45
CA GLU B 366 15.50 -18.66 -9.38
C GLU B 366 15.76 -17.17 -9.02
N GLU B 367 14.75 -16.54 -8.47
CA GLU B 367 14.78 -15.10 -8.22
C GLU B 367 15.50 -14.78 -6.90
N SER B 368 15.69 -15.81 -6.07
CA SER B 368 16.41 -15.71 -4.81
C SER B 368 17.96 -15.73 -4.97
N SER B 369 18.65 -14.98 -4.09
CA SER B 369 20.12 -14.83 -4.15
C SER B 369 20.81 -14.51 -2.81
N THR B 370 20.08 -14.08 -1.77
CA THR B 370 20.77 -13.58 -0.55
C THR B 370 21.15 -14.65 0.52
N THR B 371 21.25 -15.92 0.09
CA THR B 371 21.78 -17.02 0.92
C THR B 371 23.00 -17.66 0.19
FE FE C . 6.21 11.16 5.32
N1 SPD D . -19.93 11.81 -4.08
C2 SPD D . -18.80 12.53 -3.51
C3 SPD D . -17.50 11.73 -3.45
C4 SPD D . -17.40 10.63 -4.50
C5 SPD D . -16.15 10.65 -5.36
N6 SPD D . -15.26 9.61 -5.00
C7 SPD D . -14.52 8.77 -5.93
C8 SPD D . -14.29 7.44 -5.24
C9 SPD D . -12.92 6.83 -5.52
N10 SPD D . -13.11 5.43 -5.85
N1 SPD E . 19.24 -12.63 3.73
C2 SPD E . 18.28 -11.68 3.19
C3 SPD E . 17.37 -11.04 4.21
C4 SPD E . 16.34 -12.06 4.70
C5 SPD E . 15.00 -12.00 3.97
N6 SPD E . 14.20 -10.99 4.56
C7 SPD E . 12.77 -11.03 4.51
C8 SPD E . 12.30 -10.54 3.16
C9 SPD E . 10.83 -10.18 3.26
N10 SPD E . 10.03 -11.36 3.13
#